data_9L60
#
_entry.id   9L60
#
loop_
_entity.id
_entity.type
_entity.pdbx_description
1 polymer 'Guanine nucleotide-binding protein G(i) subunit alpha-1'
2 polymer 'Guanine nucleotide-binding protein G(I)/G(S)/G(T) subunit beta-1'
3 polymer 'Guanine nucleotide-binding protein G(I)/G(S)/G(O) subunit gamma-2'
4 polymer 'Kappa-type opioid receptor'
5 polymer 'Dynorphin A(1-13)'
6 non-polymer CHOLESTEROL
7 non-polymer 9-[5-(3-chlorophenyl)furan-2-yl]-3,3,6,6-tetramethyl-4,5,7,9-tetrahydro-2~{H}-xanthene-1,8-dione
#
loop_
_entity_poly.entity_id
_entity_poly.type
_entity_poly.pdbx_seq_one_letter_code
_entity_poly.pdbx_strand_id
1 'polypeptide(L)'
;MGCTLSAEDKAAVERSKMIDRNLREDGEKAAREVKLLLLGAGESGKSTIVKQMKIIHEAGYSEEECKQYKAVVYSNTIQS
IIAIIRAMGRLKIDFGDSARADDARQLFVLAGAAEEGFMTAELAGVIKRLWKDSGVQACFNRSREYQLNDSAAYYLNDLD
RIAQPNYIPTQQDVLRTRVKTTGIVETHFTFKDLHFKMFDVGAQRSERKKWIHCFEGVTAIIFCVALSDYDLVLAEDEEM
NRMHESMKLFDSICNNKWFTDTSIILFLNKKDLFEEKIKKSPLTICYPEYAGSNTYEEAAAYIQCQFEDLNKRKDTKEIY
THFTCSTDTKNVQFVFDAVTDVIIKNNLKDCGLF
;
A
2 'polypeptide(L)'
;MHHHHHHHHGSLLQSELDQLRQEAEQLKNQIRDARKACADATLSQITNNIDPVGRIQMRTRRTLRGHLAKIYAMHWGTDS
RLLVSASQDGKLIIWDSYTTNKVHAIPLRSSWVMTCAYAPSGNYVACGGLDNICSIYNLKTREGNVRVSRELAGHTGYLS
CCRFLDDNQIVTSSGDTTCALWDIETGQQTTTFTGHTGDVMSLSLAPDTRLFVSGACDASAKLWDVREGMCRQTFTGHES
DINAICFFPNGNAFATGSDDATCRLFDLRADQELMTYSHDNIICGITSVSFSKSGRLLLAGYDDFNCNVWDALKADRAGV
LAGHDNRVSCLGVTDDGMAVATGSWDSFLKIWN
;
B
3 'polypeptide(L)' MASNNTASIAQARKLVEQLKMEANIDRIKVSKAAADLMAYCEAHAKEDPLLTPVPASENPFREKKFFCAIL C
4 'polypeptide(L)'
;DYKDDDDVDASSPIQIFRGEPGPTCAPSACLPPNSSAWFPGWAEPDSNGSAGSEDAQLEPAHISPAIPVIITAVYSVVFV
VGLVGNSLVMFVIIRYTKMKTATNIYIFNLALADALVTTTMPFQSTVYLMNSWPFGDVLCKIVISIDYYNMFTSIFTLTM
MSVDRYIAVCHPVKALDFRTPLKAKIINICIWLLSSSVGISAIVLGGTKVREDVDVIECSLQFPDDDYSWWDLFMKICVF
IFAFVIPVLIIIVCYTLMILRLKSVRLLSGSREKDRNLRRITRLVLVVVAVFVVCWTPIHIFILVEALGSTSHSTAALSS
YYFCIALGYTNSSLNPILYAFLDENFKRCFRDFCFPLKMRMERQSTSRVRNTVQDPAYLRDIDGMNKPVHHHHHHHH
;
D
5 'polypeptide(L)' YGGFLRRIRPKLK P
#
loop_
_chem_comp.id
_chem_comp.type
_chem_comp.name
_chem_comp.formula
A1D6C non-polymer 9-[5-(3-chlorophenyl)furan-2-yl]-3,3,6,6-tetramethyl-4,5,7,9-tetrahydro-2~{H}-xanthene-1,8-dione 'C27 H27 Cl O4'
CLR non-polymer CHOLESTEROL 'C27 H46 O'
#
# COMPACT_ATOMS: atom_id res chain seq x y z
N GLY A 2 3.76 1.67 32.58
CA GLY A 2 3.93 1.01 33.87
C GLY A 2 5.01 1.62 34.72
N CYS A 3 5.12 1.15 35.96
CA CYS A 3 6.12 1.67 36.89
C CYS A 3 7.51 1.09 36.64
N THR A 4 7.63 0.09 35.77
CA THR A 4 8.95 -0.46 35.46
C THR A 4 9.83 0.56 34.76
N LEU A 5 9.24 1.35 33.86
CA LEU A 5 10.01 2.35 33.12
C LEU A 5 10.52 3.44 34.06
N SER A 6 11.76 3.87 33.82
CA SER A 6 12.38 4.90 34.65
C SER A 6 11.85 6.28 34.23
N ALA A 7 12.46 7.33 34.76
CA ALA A 7 12.02 8.68 34.44
C ALA A 7 12.29 9.04 32.98
N GLU A 8 13.47 8.69 32.48
CA GLU A 8 13.80 9.00 31.09
C GLU A 8 13.11 8.07 30.10
N ASP A 9 12.83 6.83 30.52
CA ASP A 9 12.13 5.90 29.63
C ASP A 9 10.71 6.39 29.33
N LYS A 10 10.03 6.91 30.34
CA LYS A 10 8.69 7.47 30.13
C LYS A 10 8.75 8.68 29.22
N ALA A 11 9.77 9.53 29.38
CA ALA A 11 9.93 10.66 28.49
C ALA A 11 10.16 10.21 27.05
N ALA A 12 10.96 9.17 26.86
CA ALA A 12 11.20 8.63 25.53
C ALA A 12 9.91 8.09 24.92
N VAL A 13 9.10 7.40 25.72
CA VAL A 13 7.84 6.87 25.23
C VAL A 13 6.89 8.00 24.86
N GLU A 14 6.86 9.06 25.66
CA GLU A 14 6.03 10.21 25.34
C GLU A 14 6.47 10.88 24.05
N ARG A 15 7.79 10.99 23.85
CA ARG A 15 8.30 11.55 22.59
C ARG A 15 7.91 10.67 21.41
N SER A 16 7.97 9.35 21.59
CA SER A 16 7.56 8.44 20.52
C SER A 16 6.07 8.61 20.20
N LYS A 17 5.24 8.77 21.23
CA LYS A 17 3.81 8.96 21.01
C LYS A 17 3.55 10.26 20.26
N MET A 18 4.24 11.33 20.65
CA MET A 18 4.08 12.61 19.94
C MET A 18 4.51 12.49 18.48
N ILE A 19 5.63 11.81 18.24
CA ILE A 19 6.11 11.60 16.88
C ILE A 19 5.09 10.79 16.08
N ASP A 20 4.51 9.77 16.68
CA ASP A 20 3.51 8.95 16.00
C ASP A 20 2.27 9.78 15.67
N ARG A 21 1.86 10.67 16.58
CA ARG A 21 0.73 11.54 16.29
C ARG A 21 1.03 12.45 15.11
N ASN A 22 2.24 13.03 15.08
CA ASN A 22 2.63 13.87 13.95
C ASN A 22 2.64 13.07 12.66
N LEU A 23 3.14 11.83 12.71
CA LEU A 23 3.20 11.00 11.52
C LEU A 23 1.81 10.69 10.98
N ARG A 24 0.88 10.36 11.88
CA ARG A 24 -0.47 10.03 11.40
C ARG A 24 -1.19 11.26 10.88
N GLU A 25 -0.95 12.43 11.49
CA GLU A 25 -1.51 13.66 10.95
C GLU A 25 -0.96 13.95 9.55
N ASP A 26 0.34 13.78 9.37
CA ASP A 26 0.95 14.00 8.07
C ASP A 26 0.43 13.01 7.04
N GLY A 27 0.23 11.75 7.44
CA GLY A 27 -0.31 10.77 6.53
C GLY A 27 -1.74 11.06 6.13
N GLU A 28 -2.56 11.53 7.08
CA GLU A 28 -3.92 11.94 6.75
C GLU A 28 -3.92 13.08 5.76
N LYS A 29 -3.02 14.06 5.95
CA LYS A 29 -2.94 15.15 4.98
C LYS A 29 -2.46 14.66 3.62
N ALA A 30 -1.49 13.74 3.61
CA ALA A 30 -0.90 13.28 2.35
C ALA A 30 -1.88 12.44 1.53
N ALA A 31 -2.63 11.56 2.20
CA ALA A 31 -3.58 10.71 1.49
C ALA A 31 -4.76 11.48 0.92
N ARG A 32 -4.90 12.76 1.27
CA ARG A 32 -5.96 13.62 0.79
C ARG A 32 -5.61 14.34 -0.51
N GLU A 33 -4.44 14.05 -1.08
CA GLU A 33 -3.95 14.73 -2.27
C GLU A 33 -3.86 13.75 -3.43
N VAL A 34 -3.95 14.30 -4.64
CA VAL A 34 -4.04 13.52 -5.87
C VAL A 34 -2.71 13.61 -6.61
N LYS A 35 -2.14 12.44 -6.92
CA LYS A 35 -0.84 12.37 -7.58
C LYS A 35 -1.02 12.16 -9.09
N LEU A 36 -0.31 12.97 -9.88
CA LEU A 36 -0.37 12.90 -11.33
C LEU A 36 1.05 12.76 -11.86
N LEU A 37 1.35 11.63 -12.49
CA LEU A 37 2.64 11.41 -13.12
C LEU A 37 2.60 11.97 -14.54
N LEU A 38 3.34 13.04 -14.78
CA LEU A 38 3.31 13.74 -16.07
C LEU A 38 4.42 13.18 -16.95
N LEU A 39 4.04 12.34 -17.91
CA LEU A 39 4.97 11.73 -18.85
C LEU A 39 4.83 12.40 -20.21
N GLY A 40 5.54 11.86 -21.20
CA GLY A 40 5.51 12.43 -22.53
C GLY A 40 6.91 12.72 -23.07
N ALA A 41 7.00 13.65 -24.01
CA ALA A 41 8.27 14.04 -24.59
C ALA A 41 8.42 15.56 -24.54
N GLY A 42 9.66 16.02 -24.46
CA GLY A 42 9.91 17.44 -24.40
C GLY A 42 9.53 18.16 -25.68
N GLU A 43 9.78 17.54 -26.82
CA GLU A 43 9.38 18.12 -28.10
C GLU A 43 7.87 18.14 -28.28
N SER A 44 7.15 17.26 -27.58
CA SER A 44 5.70 17.22 -27.70
C SER A 44 5.05 18.49 -27.17
N GLY A 45 5.67 19.16 -26.22
CA GLY A 45 5.09 20.34 -25.60
C GLY A 45 4.43 19.96 -24.29
N LYS A 46 5.18 20.12 -23.20
CA LYS A 46 4.72 19.63 -21.91
C LYS A 46 4.78 20.76 -20.88
N SER A 47 5.77 21.62 -21.02
CA SER A 47 5.89 22.77 -20.13
C SER A 47 4.73 23.75 -20.31
N THR A 48 4.21 23.87 -21.53
CA THR A 48 3.08 24.75 -21.78
C THR A 48 1.84 24.29 -21.01
N ILE A 49 1.62 22.97 -20.94
CA ILE A 49 0.50 22.44 -20.17
C ILE A 49 0.68 22.75 -18.69
N VAL A 50 1.91 22.61 -18.18
CA VAL A 50 2.17 22.93 -16.78
C VAL A 50 1.90 24.41 -16.50
N LYS A 51 2.34 25.28 -17.41
CA LYS A 51 2.09 26.71 -17.22
C LYS A 51 0.61 27.02 -17.26
N GLN A 52 -0.13 26.38 -18.17
CA GLN A 52 -1.57 26.60 -18.24
C GLN A 52 -2.27 26.13 -16.96
N MET A 53 -1.86 24.98 -16.42
CA MET A 53 -2.52 24.45 -15.24
C MET A 53 -2.16 25.23 -13.99
N LYS A 54 -0.92 25.70 -13.87
CA LYS A 54 -0.53 26.43 -12.67
C LYS A 54 -1.27 27.76 -12.54
N ILE A 55 -1.45 28.46 -13.65
CA ILE A 55 -2.18 29.72 -13.64
C ILE A 55 -3.68 29.46 -13.61
N THR A 182 17.36 18.07 -9.22
CA THR A 182 17.01 18.38 -10.61
C THR A 182 16.63 17.13 -11.37
N GLY A 183 15.95 16.20 -10.71
CA GLY A 183 15.54 14.96 -11.34
C GLY A 183 14.04 14.84 -11.46
N ILE A 184 13.31 15.42 -10.51
CA ILE A 184 11.85 15.42 -10.52
C ILE A 184 11.38 16.85 -10.27
N VAL A 185 10.47 17.33 -11.09
CA VAL A 185 9.85 18.63 -10.89
C VAL A 185 8.46 18.42 -10.31
N GLU A 186 8.24 18.92 -9.10
CA GLU A 186 6.97 18.75 -8.41
C GLU A 186 6.19 20.06 -8.48
N THR A 187 4.96 19.99 -8.97
CA THR A 187 4.08 21.15 -9.08
C THR A 187 2.83 20.91 -8.26
N HIS A 188 2.56 21.78 -7.30
CA HIS A 188 1.39 21.70 -6.45
C HIS A 188 0.37 22.74 -6.89
N PHE A 189 -0.87 22.33 -7.11
CA PHE A 189 -1.91 23.29 -7.44
C PHE A 189 -3.25 22.82 -6.91
N THR A 190 -4.08 23.77 -6.52
CA THR A 190 -5.39 23.50 -5.95
C THR A 190 -6.47 23.91 -6.93
N PHE A 191 -7.41 23.00 -7.19
CA PHE A 191 -8.53 23.28 -8.08
C PHE A 191 -9.78 22.65 -7.48
N LYS A 192 -10.78 23.48 -7.20
CA LYS A 192 -12.05 23.05 -6.63
C LYS A 192 -11.83 22.25 -5.35
N ASP A 193 -11.07 22.83 -4.42
CA ASP A 193 -10.84 22.27 -3.09
C ASP A 193 -10.15 20.90 -3.17
N LEU A 194 -9.38 20.67 -4.22
CA LEU A 194 -8.64 19.42 -4.39
C LEU A 194 -7.20 19.75 -4.72
N HIS A 195 -6.27 19.13 -3.98
CA HIS A 195 -4.85 19.41 -4.12
C HIS A 195 -4.22 18.38 -5.06
N PHE A 196 -3.58 18.86 -6.12
CA PHE A 196 -2.91 18.01 -7.09
C PHE A 196 -1.40 18.22 -6.98
N LYS A 197 -0.67 17.13 -6.87
CA LYS A 197 0.78 17.11 -6.97
C LYS A 197 1.14 16.42 -8.28
N MET A 198 1.71 17.18 -9.21
CA MET A 198 2.12 16.66 -10.50
C MET A 198 3.63 16.49 -10.52
N PHE A 199 4.09 15.28 -10.83
CA PHE A 199 5.51 14.95 -10.83
C PHE A 199 5.97 14.76 -12.27
N ASP A 200 6.93 15.59 -12.68
CA ASP A 200 7.52 15.51 -14.01
C ASP A 200 8.89 14.86 -13.88
N VAL A 201 9.10 13.78 -14.63
CA VAL A 201 10.33 13.01 -14.58
C VAL A 201 11.05 13.10 -15.91
N GLY A 202 10.83 14.18 -16.65
CA GLY A 202 11.47 14.33 -17.94
C GLY A 202 12.95 14.66 -17.87
N ALA A 203 13.46 15.00 -16.71
CA ALA A 203 14.88 15.29 -16.56
C ALA A 203 15.72 14.05 -16.34
N GLN A 204 15.09 12.89 -16.12
CA GLN A 204 15.85 11.65 -15.97
C GLN A 204 16.44 11.22 -17.31
N ARG A 205 17.69 10.76 -17.27
CA ARG A 205 18.39 10.29 -18.45
C ARG A 205 18.89 8.86 -18.23
N SER A 206 18.14 8.09 -17.46
CA SER A 206 18.52 6.73 -17.09
C SER A 206 17.41 5.77 -17.51
N GLU A 207 17.59 4.50 -17.19
CA GLU A 207 16.61 3.50 -17.56
C GLU A 207 15.33 3.70 -16.76
N ARG A 208 14.21 3.78 -17.46
CA ARG A 208 12.92 4.03 -16.81
C ARG A 208 12.48 2.86 -15.94
N LYS A 209 12.97 1.65 -16.22
CA LYS A 209 12.50 0.48 -15.51
C LYS A 209 12.86 0.52 -14.03
N LYS A 210 14.04 1.07 -13.69
CA LYS A 210 14.54 0.99 -12.33
C LYS A 210 13.83 1.95 -11.37
N TRP A 211 13.06 2.92 -11.87
CA TRP A 211 12.39 3.86 -10.99
C TRP A 211 10.93 4.08 -11.33
N ILE A 212 10.39 3.40 -12.35
CA ILE A 212 8.99 3.60 -12.70
C ILE A 212 8.06 3.02 -11.64
N HIS A 213 8.52 2.04 -10.86
CA HIS A 213 7.68 1.46 -9.83
C HIS A 213 7.45 2.38 -8.65
N CYS A 214 8.21 3.47 -8.54
CA CYS A 214 7.98 4.44 -7.48
C CYS A 214 6.63 5.12 -7.60
N PHE A 215 6.04 5.15 -8.80
CA PHE A 215 4.75 5.78 -9.04
C PHE A 215 3.65 4.75 -9.18
N GLU A 216 3.75 3.61 -8.50
CA GLU A 216 2.74 2.57 -8.62
C GLU A 216 1.39 3.05 -8.10
N GLY A 217 1.38 3.77 -6.99
CA GLY A 217 0.14 4.22 -6.40
C GLY A 217 -0.29 5.59 -6.86
N VAL A 218 0.24 6.07 -7.98
CA VAL A 218 -0.13 7.37 -8.49
C VAL A 218 -1.61 7.36 -8.87
N THR A 219 -2.28 8.49 -8.64
CA THR A 219 -3.70 8.56 -8.94
C THR A 219 -3.95 8.51 -10.43
N ALA A 220 -3.19 9.27 -11.22
CA ALA A 220 -3.38 9.24 -12.66
C ALA A 220 -2.08 9.55 -13.37
N ILE A 221 -2.01 9.14 -14.64
CA ILE A 221 -0.90 9.48 -15.52
C ILE A 221 -1.41 10.48 -16.54
N ILE A 222 -0.57 11.45 -16.87
CA ILE A 222 -0.89 12.44 -17.91
C ILE A 222 0.16 12.28 -19.00
N PHE A 223 -0.26 11.82 -20.17
CA PHE A 223 0.63 11.57 -21.29
C PHE A 223 0.36 12.61 -22.36
N CYS A 224 1.38 13.39 -22.71
CA CYS A 224 1.25 14.49 -23.65
C CYS A 224 1.98 14.15 -24.93
N VAL A 225 1.30 14.29 -26.07
CA VAL A 225 1.91 14.07 -27.37
C VAL A 225 1.45 15.16 -28.33
N ALA A 226 2.36 15.58 -29.21
CA ALA A 226 2.07 16.64 -30.16
C ALA A 226 1.55 16.05 -31.46
N LEU A 227 0.38 16.52 -31.89
CA LEU A 227 -0.17 16.08 -33.16
C LEU A 227 0.64 16.60 -34.34
N SER A 228 1.23 17.79 -34.21
CA SER A 228 2.01 18.37 -35.30
C SER A 228 3.28 17.59 -35.59
N ASP A 229 3.71 16.71 -34.69
CA ASP A 229 4.91 15.92 -34.89
C ASP A 229 4.66 14.61 -35.61
N TYR A 230 3.58 14.53 -36.39
CA TYR A 230 3.27 13.30 -37.10
C TYR A 230 4.29 13.00 -38.19
N ASP A 231 4.85 14.03 -38.82
CA ASP A 231 5.83 13.85 -39.88
C ASP A 231 7.24 14.26 -39.50
N LEU A 232 7.43 14.88 -38.33
CA LEU A 232 8.76 15.27 -37.90
C LEU A 232 9.61 14.05 -37.58
N VAL A 233 10.88 14.11 -37.97
CA VAL A 233 11.82 13.04 -37.69
C VAL A 233 12.53 13.33 -36.38
N LEU A 234 13.05 12.28 -35.75
CA LEU A 234 13.78 12.44 -34.50
C LEU A 234 15.12 13.13 -34.74
N ALA A 235 15.68 13.69 -33.66
CA ALA A 235 16.96 14.37 -33.76
C ALA A 235 18.11 13.41 -34.05
N GLU A 236 17.91 12.12 -33.81
CA GLU A 236 18.96 11.14 -34.10
C GLU A 236 19.11 10.94 -35.60
N ASP A 237 20.25 10.36 -35.98
CA ASP A 237 20.54 10.15 -37.40
C ASP A 237 19.59 9.15 -38.03
N GLU A 238 19.03 8.24 -37.23
CA GLU A 238 18.11 7.24 -37.77
C GLU A 238 16.82 7.89 -38.23
N GLU A 239 16.25 7.37 -39.31
CA GLU A 239 15.01 7.89 -39.87
C GLU A 239 13.84 7.24 -39.13
N MET A 240 13.58 7.76 -37.92
CA MET A 240 12.52 7.26 -37.06
C MET A 240 11.50 8.37 -36.85
N ASN A 241 10.24 8.07 -37.14
CA ASN A 241 9.18 9.06 -37.00
C ASN A 241 8.95 9.40 -35.53
N ARG A 242 8.79 10.69 -35.25
CA ARG A 242 8.56 11.12 -33.87
C ARG A 242 7.23 10.60 -33.35
N MET A 243 6.20 10.58 -34.21
CA MET A 243 4.91 10.05 -33.79
C MET A 243 5.00 8.57 -33.45
N HIS A 244 5.76 7.80 -34.22
CA HIS A 244 5.94 6.39 -33.91
C HIS A 244 6.66 6.20 -32.58
N GLU A 245 7.66 7.03 -32.30
CA GLU A 245 8.34 6.94 -31.01
C GLU A 245 7.40 7.28 -29.86
N SER A 246 6.55 8.29 -30.05
CA SER A 246 5.55 8.61 -29.03
C SER A 246 4.58 7.45 -28.83
N MET A 247 4.15 6.83 -29.93
CA MET A 247 3.23 5.70 -29.82
C MET A 247 3.88 4.53 -29.09
N LYS A 248 5.14 4.25 -29.36
CA LYS A 248 5.79 3.13 -28.69
C LYS A 248 6.04 3.44 -27.21
N LEU A 249 6.33 4.70 -26.89
CA LEU A 249 6.44 5.09 -25.48
C LEU A 249 5.11 4.93 -24.76
N PHE A 250 4.02 5.36 -25.40
CA PHE A 250 2.70 5.18 -24.80
C PHE A 250 2.36 3.71 -24.65
N ASP A 251 2.75 2.89 -25.62
CA ASP A 251 2.50 1.45 -25.53
C ASP A 251 3.28 0.83 -24.38
N SER A 252 4.54 1.23 -24.21
CA SER A 252 5.34 0.66 -23.13
C SER A 252 4.86 1.13 -21.76
N ILE A 253 4.32 2.35 -21.67
CA ILE A 253 3.86 2.85 -20.38
C ILE A 253 2.49 2.30 -20.03
N CYS A 254 1.55 2.30 -20.98
CA CYS A 254 0.22 1.78 -20.72
C CYS A 254 0.24 0.29 -20.43
N ASN A 255 1.02 -0.47 -21.18
CA ASN A 255 1.13 -1.91 -20.98
C ASN A 255 2.27 -2.26 -20.04
N ASN A 256 2.27 -1.63 -18.87
CA ASN A 256 3.29 -1.83 -17.85
C ASN A 256 2.64 -2.46 -16.62
N LYS A 257 3.35 -3.40 -15.99
CA LYS A 257 2.76 -4.15 -14.89
C LYS A 257 2.49 -3.29 -13.67
N TRP A 258 3.07 -2.10 -13.58
CA TRP A 258 2.84 -1.21 -12.44
C TRP A 258 1.64 -0.31 -12.62
N PHE A 259 1.16 -0.12 -13.84
CA PHE A 259 0.02 0.75 -14.12
C PHE A 259 -1.13 -0.04 -14.72
N THR A 260 -1.41 -1.22 -14.17
CA THR A 260 -2.48 -2.05 -14.72
C THR A 260 -3.84 -1.37 -14.58
N ASP A 261 -4.10 -0.74 -13.43
CA ASP A 261 -5.38 -0.10 -13.18
C ASP A 261 -5.26 1.43 -13.05
N THR A 262 -4.19 2.00 -13.59
CA THR A 262 -3.94 3.43 -13.48
C THR A 262 -4.50 4.13 -14.72
N SER A 263 -5.39 5.10 -14.51
CA SER A 263 -6.01 5.80 -15.62
C SER A 263 -5.02 6.77 -16.26
N ILE A 264 -5.11 6.89 -17.58
CA ILE A 264 -4.20 7.70 -18.38
C ILE A 264 -5.02 8.79 -19.07
N ILE A 265 -4.56 10.02 -18.95
CA ILE A 265 -5.18 11.18 -19.61
C ILE A 265 -4.27 11.55 -20.77
N LEU A 266 -4.78 11.41 -21.98
CA LEU A 266 -3.99 11.68 -23.18
C LEU A 266 -4.27 13.10 -23.65
N PHE A 267 -3.22 13.90 -23.75
CA PHE A 267 -3.31 15.28 -24.21
C PHE A 267 -2.67 15.37 -25.59
N LEU A 268 -3.51 15.52 -26.61
CA LEU A 268 -3.05 15.74 -27.98
C LEU A 268 -2.89 17.24 -28.17
N ASN A 269 -1.65 17.71 -28.13
CA ASN A 269 -1.34 19.13 -28.11
C ASN A 269 -1.08 19.65 -29.52
N LYS A 270 -0.93 20.98 -29.61
CA LYS A 270 -0.62 21.66 -30.86
C LYS A 270 -1.64 21.33 -31.95
N LYS A 271 -2.93 21.41 -31.59
CA LYS A 271 -3.98 21.15 -32.57
C LYS A 271 -4.01 22.21 -33.66
N ASP A 272 -3.69 23.47 -33.33
CA ASP A 272 -3.69 24.52 -34.34
C ASP A 272 -2.58 24.28 -35.37
N LEU A 273 -1.37 23.97 -34.89
CA LEU A 273 -0.27 23.70 -35.82
C LEU A 273 -0.54 22.45 -36.64
N PHE A 274 -1.14 21.43 -36.01
CA PHE A 274 -1.49 20.22 -36.75
C PHE A 274 -2.52 20.51 -37.84
N GLU A 275 -3.51 21.35 -37.53
CA GLU A 275 -4.52 21.71 -38.53
C GLU A 275 -3.90 22.51 -39.66
N GLU A 276 -3.00 23.43 -39.34
CA GLU A 276 -2.34 24.22 -40.39
C GLU A 276 -1.36 23.39 -41.20
N LYS A 277 -0.83 22.31 -40.65
CA LYS A 277 0.16 21.49 -41.34
C LYS A 277 -0.48 20.36 -42.15
N ILE A 278 -1.64 19.87 -41.74
CA ILE A 278 -2.27 18.74 -42.41
C ILE A 278 -2.74 19.11 -43.81
N LYS A 279 -2.99 20.39 -44.07
CA LYS A 279 -3.42 20.81 -45.40
C LYS A 279 -2.30 20.74 -46.42
N LYS A 280 -1.04 20.72 -45.97
CA LYS A 280 0.12 20.67 -46.86
C LYS A 280 0.68 19.26 -47.01
N SER A 281 0.78 18.51 -45.92
CA SER A 281 1.34 17.17 -45.95
C SER A 281 0.26 16.14 -45.61
N PRO A 282 0.10 15.10 -46.42
CA PRO A 282 -0.89 14.07 -46.11
C PRO A 282 -0.47 13.24 -44.90
N LEU A 283 -1.46 12.63 -44.25
CA LEU A 283 -1.20 11.78 -43.11
C LEU A 283 -0.62 10.42 -43.49
N THR A 284 -0.76 10.02 -44.76
CA THR A 284 -0.29 8.71 -45.19
C THR A 284 1.23 8.57 -45.12
N ILE A 285 1.96 9.66 -44.98
CA ILE A 285 3.42 9.57 -44.85
C ILE A 285 3.80 8.86 -43.57
N CYS A 286 3.00 9.02 -42.51
CA CYS A 286 3.28 8.33 -41.25
C CYS A 286 3.10 6.83 -41.39
N TYR A 287 1.99 6.40 -41.98
CA TYR A 287 1.70 4.99 -42.17
C TYR A 287 0.75 4.82 -43.35
N PRO A 288 0.93 3.78 -44.17
CA PRO A 288 0.03 3.57 -45.30
C PRO A 288 -1.36 3.09 -44.90
N GLU A 289 -1.59 2.77 -43.63
CA GLU A 289 -2.88 2.24 -43.20
C GLU A 289 -3.98 3.28 -43.35
N TYR A 290 -3.66 4.57 -43.23
CA TYR A 290 -4.68 5.60 -43.30
C TYR A 290 -5.20 5.73 -44.72
N ALA A 291 -6.53 5.70 -44.87
CA ALA A 291 -7.17 5.82 -46.17
C ALA A 291 -8.23 6.91 -46.23
N GLY A 292 -8.42 7.66 -45.14
CA GLY A 292 -9.39 8.73 -45.13
C GLY A 292 -8.88 9.99 -45.81
N SER A 293 -9.74 11.00 -45.84
CA SER A 293 -9.40 12.26 -46.46
C SER A 293 -8.40 13.03 -45.60
N ASN A 294 -7.82 14.09 -46.18
CA ASN A 294 -6.83 14.90 -45.51
C ASN A 294 -7.44 16.01 -44.66
N THR A 295 -8.72 15.87 -44.28
CA THR A 295 -9.33 16.85 -43.41
C THR A 295 -8.80 16.69 -41.98
N TYR A 296 -8.98 17.74 -41.18
CA TYR A 296 -8.43 17.75 -39.83
C TYR A 296 -9.17 16.81 -38.90
N GLU A 297 -10.51 16.85 -38.93
CA GLU A 297 -11.28 16.10 -37.94
C GLU A 297 -11.08 14.60 -38.08
N GLU A 298 -11.14 14.10 -39.33
CA GLU A 298 -10.98 12.66 -39.53
C GLU A 298 -9.59 12.20 -39.14
N ALA A 299 -8.56 12.97 -39.50
CA ALA A 299 -7.20 12.59 -39.15
C ALA A 299 -6.99 12.61 -37.63
N ALA A 300 -7.54 13.61 -36.96
CA ALA A 300 -7.42 13.68 -35.51
C ALA A 300 -8.13 12.50 -34.84
N ALA A 301 -9.33 12.16 -35.32
CA ALA A 301 -10.05 11.01 -34.76
C ALA A 301 -9.28 9.72 -35.01
N TYR A 302 -8.67 9.58 -36.19
CA TYR A 302 -7.89 8.39 -36.49
C TYR A 302 -6.67 8.29 -35.58
N ILE A 303 -5.99 9.41 -35.34
CA ILE A 303 -4.84 9.40 -34.43
C ILE A 303 -5.28 9.02 -33.02
N GLN A 304 -6.42 9.57 -32.57
CA GLN A 304 -6.91 9.22 -31.24
C GLN A 304 -7.23 7.74 -31.14
N CYS A 305 -7.89 7.18 -32.16
CA CYS A 305 -8.25 5.76 -32.09
C CYS A 305 -7.00 4.88 -32.19
N GLN A 306 -6.01 5.29 -32.97
CA GLN A 306 -4.76 4.53 -33.03
C GLN A 306 -4.05 4.53 -31.68
N PHE A 307 -4.03 5.68 -31.00
CA PHE A 307 -3.43 5.71 -29.67
C PHE A 307 -4.21 4.87 -28.68
N GLU A 308 -5.54 4.91 -28.74
CA GLU A 308 -6.35 4.16 -27.79
C GLU A 308 -6.33 2.65 -28.05
N ASP A 309 -6.06 2.24 -29.28
CA ASP A 309 -5.98 0.80 -29.56
C ASP A 309 -4.76 0.15 -28.92
N LEU A 310 -3.79 0.93 -28.47
CA LEU A 310 -2.63 0.37 -27.78
C LEU A 310 -2.96 -0.08 -26.36
N ASN A 311 -4.12 0.28 -25.83
CA ASN A 311 -4.51 -0.10 -24.48
C ASN A 311 -4.92 -1.57 -24.50
N LYS A 312 -4.00 -2.44 -24.11
CA LYS A 312 -4.30 -3.87 -24.07
C LYS A 312 -5.35 -4.20 -23.01
N ARG A 313 -5.26 -3.55 -21.85
CA ARG A 313 -6.17 -3.81 -20.74
C ARG A 313 -7.30 -2.79 -20.81
N LYS A 314 -8.33 -3.12 -21.60
CA LYS A 314 -9.48 -2.25 -21.77
C LYS A 314 -10.54 -2.46 -20.68
N ASP A 315 -10.32 -3.38 -19.75
CA ASP A 315 -11.32 -3.67 -18.74
C ASP A 315 -11.22 -2.71 -17.56
N THR A 316 -10.06 -2.65 -16.91
CA THR A 316 -9.88 -1.88 -15.69
C THR A 316 -9.32 -0.48 -15.92
N LYS A 317 -8.73 -0.22 -17.08
CA LYS A 317 -8.11 1.07 -17.36
C LYS A 317 -8.94 1.83 -18.39
N GLU A 318 -9.15 3.12 -18.12
CA GLU A 318 -9.85 4.00 -19.04
C GLU A 318 -8.91 5.14 -19.45
N ILE A 319 -8.87 5.42 -20.74
CA ILE A 319 -8.01 6.48 -21.29
C ILE A 319 -8.89 7.69 -21.60
N TYR A 320 -8.55 8.82 -21.01
CA TYR A 320 -9.30 10.07 -21.19
C TYR A 320 -8.55 10.93 -22.19
N THR A 321 -8.87 10.74 -23.48
CA THR A 321 -8.25 11.54 -24.53
C THR A 321 -8.94 12.89 -24.63
N HIS A 322 -8.13 13.95 -24.78
CA HIS A 322 -8.66 15.31 -24.87
C HIS A 322 -7.68 16.16 -25.66
N PHE A 323 -8.15 16.71 -26.78
CA PHE A 323 -7.37 17.69 -27.51
C PHE A 323 -7.23 18.97 -26.70
N THR A 324 -6.04 19.55 -26.71
CA THR A 324 -5.79 20.74 -25.90
C THR A 324 -6.65 21.91 -26.40
N CYS A 325 -7.06 22.76 -25.46
CA CYS A 325 -7.89 23.91 -25.79
C CYS A 325 -7.14 25.23 -25.76
N SER A 326 -6.03 25.30 -25.01
CA SER A 326 -5.25 26.54 -24.86
C SER A 326 -6.13 27.67 -24.34
N THR A 327 -7.06 27.33 -23.45
CA THR A 327 -7.97 28.30 -22.86
C THR A 327 -8.02 28.06 -21.35
N ASP A 328 -8.26 29.14 -20.61
CA ASP A 328 -8.24 29.06 -19.15
C ASP A 328 -9.32 28.11 -18.64
N THR A 329 -8.93 27.26 -17.69
CA THR A 329 -9.84 26.33 -17.02
C THR A 329 -10.49 25.37 -18.02
N LYS A 330 -9.67 24.83 -18.92
CA LYS A 330 -10.12 23.80 -19.85
C LYS A 330 -9.39 22.49 -19.65
N ASN A 331 -8.06 22.49 -19.67
CA ASN A 331 -7.33 21.27 -19.37
C ASN A 331 -7.45 20.89 -17.91
N VAL A 332 -7.45 21.89 -17.03
CA VAL A 332 -7.57 21.64 -15.60
C VAL A 332 -8.93 20.99 -15.29
N GLN A 333 -9.98 21.46 -15.96
CA GLN A 333 -11.30 20.87 -15.75
C GLN A 333 -11.33 19.42 -16.20
N PHE A 334 -10.71 19.10 -17.33
CA PHE A 334 -10.69 17.73 -17.80
C PHE A 334 -9.91 16.82 -16.84
N VAL A 335 -8.76 17.29 -16.37
CA VAL A 335 -7.99 16.51 -15.41
C VAL A 335 -8.78 16.32 -14.13
N PHE A 336 -9.49 17.36 -13.69
CA PHE A 336 -10.31 17.26 -12.49
C PHE A 336 -11.43 16.23 -12.67
N ASP A 337 -12.06 16.21 -13.84
CA ASP A 337 -13.12 15.23 -14.08
C ASP A 337 -12.57 13.81 -14.05
N ALA A 338 -11.44 13.57 -14.71
CA ALA A 338 -10.85 12.23 -14.69
C ALA A 338 -10.46 11.83 -13.27
N VAL A 339 -9.86 12.76 -12.53
CA VAL A 339 -9.46 12.47 -11.15
C VAL A 339 -10.67 12.20 -10.28
N THR A 340 -11.78 12.92 -10.52
CA THR A 340 -13.00 12.67 -9.78
C THR A 340 -13.53 11.27 -10.04
N ASP A 341 -13.49 10.83 -11.30
CA ASP A 341 -13.91 9.45 -11.60
C ASP A 341 -13.02 8.44 -10.89
N VAL A 342 -11.70 8.68 -10.89
CA VAL A 342 -10.78 7.76 -10.22
C VAL A 342 -11.06 7.73 -8.71
N ILE A 343 -11.32 8.89 -8.12
CA ILE A 343 -11.60 8.96 -6.69
C ILE A 343 -12.90 8.25 -6.37
N ILE A 344 -13.90 8.37 -7.25
CA ILE A 344 -15.16 7.65 -7.04
C ILE A 344 -14.91 6.15 -7.07
N LYS A 345 -14.10 5.67 -8.01
CA LYS A 345 -13.79 4.24 -8.03
C LYS A 345 -13.06 3.81 -6.77
N ASN A 346 -12.11 4.63 -6.31
CA ASN A 346 -11.36 4.29 -5.10
C ASN A 346 -12.28 4.24 -3.89
N ASN A 347 -13.22 5.18 -3.78
CA ASN A 347 -14.18 5.16 -2.68
C ASN A 347 -15.08 3.94 -2.76
N LEU A 348 -15.50 3.57 -3.97
CA LEU A 348 -16.31 2.36 -4.13
C LEU A 348 -15.55 1.13 -3.65
N LYS A 349 -14.27 1.03 -4.00
CA LYS A 349 -13.46 -0.08 -3.52
C LYS A 349 -13.30 -0.03 -2.00
N ASP A 350 -13.14 1.16 -1.44
CA ASP A 350 -12.96 1.29 0.01
C ASP A 350 -14.21 0.85 0.75
N CYS A 351 -15.39 1.24 0.27
CA CYS A 351 -16.64 0.84 0.91
C CYS A 351 -16.92 -0.64 0.79
N GLY A 352 -16.19 -1.37 -0.05
CA GLY A 352 -16.50 -2.75 -0.33
C GLY A 352 -17.61 -2.94 -1.34
N LEU A 353 -18.17 -1.86 -1.88
CA LEU A 353 -19.26 -1.99 -2.85
C LEU A 353 -18.74 -2.46 -4.20
N PHE A 354 -17.55 -2.02 -4.59
CA PHE A 354 -16.97 -2.41 -5.87
C PHE A 354 -16.04 -3.60 -5.70
N GLN B 19 39.65 -0.53 -35.14
CA GLN B 19 41.10 -0.66 -35.20
C GLN B 19 41.65 -1.34 -33.95
N LEU B 20 41.44 -0.71 -32.81
CA LEU B 20 41.87 -1.26 -31.52
C LEU B 20 40.83 -2.15 -30.87
N ARG B 21 39.69 -2.37 -31.52
CA ARG B 21 38.69 -3.27 -30.97
C ARG B 21 39.22 -4.70 -30.89
N GLN B 22 40.02 -5.11 -31.88
CA GLN B 22 40.63 -6.43 -31.85
C GLN B 22 41.60 -6.55 -30.69
N GLU B 23 42.33 -5.48 -30.37
CA GLU B 23 43.21 -5.49 -29.22
C GLU B 23 42.40 -5.68 -27.93
N ALA B 24 41.27 -5.01 -27.81
CA ALA B 24 40.41 -5.19 -26.64
C ALA B 24 39.89 -6.61 -26.55
N GLU B 25 39.50 -7.19 -27.70
CA GLU B 25 39.03 -8.57 -27.70
C GLU B 25 40.14 -9.53 -27.27
N GLN B 26 41.36 -9.29 -27.74
CA GLN B 26 42.49 -10.13 -27.34
C GLN B 26 42.75 -10.01 -25.84
N LEU B 27 42.65 -8.79 -25.31
CA LEU B 27 42.82 -8.59 -23.87
C LEU B 27 41.74 -9.33 -23.08
N LYS B 28 40.49 -9.29 -23.57
CA LYS B 28 39.41 -10.03 -22.91
C LYS B 28 39.67 -11.53 -22.95
N ASN B 29 40.15 -12.03 -24.10
CA ASN B 29 40.48 -13.45 -24.21
C ASN B 29 41.57 -13.84 -23.22
N GLN B 30 42.62 -13.00 -23.11
CA GLN B 30 43.68 -13.28 -22.16
C GLN B 30 43.15 -13.28 -20.73
N ILE B 31 42.28 -12.31 -20.40
CA ILE B 31 41.73 -12.23 -19.05
C ILE B 31 40.91 -13.48 -18.73
N ARG B 32 40.07 -13.91 -19.66
CA ARG B 32 39.24 -15.09 -19.39
C ARG B 32 40.07 -16.37 -19.36
N ASP B 33 41.13 -16.45 -20.17
CA ASP B 33 42.03 -17.60 -20.07
C ASP B 33 42.73 -17.65 -18.72
N ALA B 34 43.17 -16.48 -18.22
CA ALA B 34 43.79 -16.44 -16.90
C ALA B 34 42.79 -16.82 -15.81
N ARG B 35 41.53 -16.37 -15.94
CA ARG B 35 40.51 -16.75 -14.99
C ARG B 35 40.27 -18.26 -15.00
N LYS B 36 40.22 -18.85 -16.19
CA LYS B 36 40.01 -20.30 -16.30
C LYS B 36 41.20 -21.06 -15.74
N ALA B 37 42.42 -20.53 -15.92
CA ALA B 37 43.60 -21.20 -15.40
C ALA B 37 43.61 -21.25 -13.87
N CYS B 38 43.17 -20.18 -13.22
CA CYS B 38 43.13 -20.13 -11.77
C CYS B 38 42.02 -21.00 -11.18
N ALA B 39 41.07 -21.45 -11.99
CA ALA B 39 39.96 -22.29 -11.51
C ALA B 39 40.40 -23.75 -11.53
N ASP B 40 41.33 -24.07 -10.62
CA ASP B 40 41.85 -25.43 -10.50
C ASP B 40 40.98 -26.32 -9.65
N ALA B 41 39.97 -25.77 -8.99
CA ALA B 41 39.08 -26.56 -8.13
C ALA B 41 37.71 -25.90 -8.14
N THR B 42 36.85 -26.34 -7.22
CA THR B 42 35.50 -25.81 -7.10
C THR B 42 35.16 -25.65 -5.62
N LEU B 43 34.50 -24.54 -5.29
CA LEU B 43 34.14 -24.27 -3.90
C LEU B 43 33.22 -25.36 -3.35
N SER B 44 32.30 -25.85 -4.17
CA SER B 44 31.40 -26.91 -3.72
C SER B 44 32.16 -28.18 -3.37
N GLN B 45 33.17 -28.51 -4.17
CA GLN B 45 33.97 -29.70 -3.89
C GLN B 45 34.77 -29.55 -2.59
N ILE B 46 35.33 -28.36 -2.36
CA ILE B 46 36.13 -28.15 -1.16
C ILE B 46 35.28 -28.08 0.09
N THR B 47 34.06 -27.56 -0.02
CA THR B 47 33.20 -27.38 1.15
C THR B 47 32.45 -28.64 1.55
N ASN B 48 32.68 -29.76 0.86
CA ASN B 48 31.97 -31.00 1.18
C ASN B 48 32.34 -31.54 2.56
N ASN B 49 33.45 -31.07 3.13
CA ASN B 49 33.91 -31.57 4.42
C ASN B 49 33.27 -30.87 5.61
N ILE B 50 32.46 -29.83 5.38
CA ILE B 50 31.84 -29.09 6.46
C ILE B 50 30.39 -29.53 6.60
N ASP B 51 29.90 -29.52 7.84
CA ASP B 51 28.54 -29.95 8.11
C ASP B 51 27.53 -28.87 7.69
N PRO B 52 26.34 -29.27 7.27
CA PRO B 52 25.33 -28.28 6.90
C PRO B 52 24.87 -27.47 8.09
N VAL B 53 24.46 -26.23 7.80
CA VAL B 53 23.96 -25.34 8.86
C VAL B 53 22.67 -25.91 9.47
N GLY B 54 21.78 -26.42 8.63
CA GLY B 54 20.51 -26.93 9.08
C GLY B 54 19.37 -25.99 8.74
N ARG B 55 18.27 -26.15 9.47
CA ARG B 55 17.08 -25.33 9.27
C ARG B 55 17.14 -24.14 10.22
N ILE B 56 17.20 -22.94 9.66
CA ILE B 56 17.23 -21.72 10.45
C ILE B 56 15.80 -21.26 10.68
N GLN B 57 15.38 -21.25 11.94
CA GLN B 57 14.04 -20.81 12.32
C GLN B 57 14.14 -19.57 13.19
N MET B 58 13.43 -18.52 12.81
CA MET B 58 13.40 -17.30 13.58
C MET B 58 12.07 -16.59 13.33
N ARG B 59 11.68 -15.74 14.27
CA ARG B 59 10.38 -15.10 14.26
C ARG B 59 10.55 -13.58 14.31
N THR B 60 9.46 -12.88 13.98
CA THR B 60 9.43 -11.42 13.99
C THR B 60 9.30 -10.94 15.43
N ARG B 61 10.43 -10.95 16.14
CA ARG B 61 10.40 -10.53 17.54
C ARG B 61 10.09 -9.04 17.68
N ARG B 62 10.31 -8.25 16.63
CA ARG B 62 9.91 -6.85 16.64
C ARG B 62 9.16 -6.50 15.36
N THR B 63 8.14 -5.65 15.49
CA THR B 63 7.38 -5.19 14.34
C THR B 63 7.26 -3.67 14.44
N LEU B 64 8.09 -2.97 13.67
CA LEU B 64 8.09 -1.52 13.65
C LEU B 64 7.02 -1.02 12.68
N ARG B 65 6.10 -0.22 13.20
CA ARG B 65 4.98 0.32 12.45
C ARG B 65 4.96 1.83 12.58
N GLY B 66 4.47 2.50 11.54
CA GLY B 66 4.43 3.95 11.55
C GLY B 66 4.74 4.57 10.21
N HIS B 67 5.09 3.74 9.23
CA HIS B 67 5.26 4.19 7.84
C HIS B 67 3.95 3.98 7.10
N LEU B 68 3.54 4.99 6.32
CA LEU B 68 2.30 4.94 5.58
C LEU B 68 2.53 4.84 4.07
N ALA B 69 3.67 4.27 3.69
CA ALA B 69 4.00 4.09 2.28
C ALA B 69 5.06 2.99 2.18
N LYS B 70 5.45 2.68 0.95
CA LYS B 70 6.39 1.59 0.71
C LYS B 70 7.77 1.93 1.24
N ILE B 71 8.34 1.01 2.02
CA ILE B 71 9.72 1.16 2.47
C ILE B 71 10.65 0.90 1.29
N TYR B 72 11.69 1.72 1.16
CA TYR B 72 12.67 1.53 0.12
C TYR B 72 14.08 1.27 0.63
N ALA B 73 14.42 1.72 1.82
CA ALA B 73 15.76 1.48 2.34
C ALA B 73 15.75 1.55 3.87
N MET B 74 16.66 0.80 4.47
CA MET B 74 16.92 0.90 5.90
C MET B 74 18.40 0.66 6.13
N HIS B 75 18.89 1.14 7.27
CA HIS B 75 20.29 0.96 7.62
C HIS B 75 20.44 0.94 9.13
N TRP B 76 21.15 -0.06 9.63
CA TRP B 76 21.44 -0.14 11.05
C TRP B 76 22.48 0.90 11.45
N GLY B 77 22.44 1.30 12.71
CA GLY B 77 23.49 2.11 13.29
C GLY B 77 24.67 1.27 13.72
N THR B 78 25.72 1.96 14.14
CA THR B 78 26.92 1.26 14.59
C THR B 78 26.77 0.65 15.98
N ASP B 79 25.76 1.06 16.73
CA ASP B 79 25.56 0.59 18.10
C ASP B 79 24.65 -0.62 18.18
N SER B 80 24.20 -1.15 17.05
CA SER B 80 23.36 -2.33 16.95
C SER B 80 21.99 -2.15 17.59
N ARG B 81 21.62 -0.91 17.93
CA ARG B 81 20.35 -0.65 18.60
C ARG B 81 19.46 0.27 17.78
N LEU B 82 19.98 1.39 17.29
CA LEU B 82 19.19 2.32 16.49
C LEU B 82 19.31 1.97 15.02
N LEU B 83 18.24 2.23 14.28
CA LEU B 83 18.23 2.03 12.84
C LEU B 83 17.47 3.16 12.18
N VAL B 84 17.68 3.35 10.89
CA VAL B 84 17.03 4.39 10.12
C VAL B 84 16.29 3.75 8.96
N SER B 85 15.10 4.26 8.66
CA SER B 85 14.28 3.73 7.58
C SER B 85 13.71 4.88 6.76
N ALA B 86 13.69 4.71 5.45
CA ALA B 86 13.19 5.72 4.52
C ALA B 86 11.95 5.20 3.82
N SER B 87 10.91 6.02 3.75
CA SER B 87 9.67 5.62 3.12
C SER B 87 9.30 6.58 2.00
N GLN B 88 8.39 6.12 1.13
CA GLN B 88 7.99 6.87 -0.05
C GLN B 88 7.04 8.02 0.27
N ASP B 89 6.57 8.14 1.52
CA ASP B 89 5.77 9.28 1.93
C ASP B 89 6.61 10.43 2.43
N GLY B 90 7.93 10.34 2.30
CA GLY B 90 8.83 11.41 2.66
C GLY B 90 9.20 11.44 4.12
N LYS B 91 9.50 10.26 4.68
CA LYS B 91 9.82 10.14 6.09
C LYS B 91 11.09 9.33 6.28
N LEU B 92 12.02 9.89 7.05
CA LEU B 92 13.17 9.16 7.58
C LEU B 92 12.92 8.94 9.07
N ILE B 93 12.56 7.73 9.44
CA ILE B 93 12.23 7.42 10.83
C ILE B 93 13.39 6.67 11.46
N ILE B 94 13.84 7.14 12.61
CA ILE B 94 14.89 6.50 13.39
C ILE B 94 14.23 5.69 14.49
N TRP B 95 14.42 4.38 14.44
CA TRP B 95 13.79 3.44 15.37
C TRP B 95 14.80 2.97 16.40
N ASP B 96 14.36 2.95 17.66
CA ASP B 96 15.05 2.22 18.72
C ASP B 96 14.52 0.79 18.70
N SER B 97 15.33 -0.13 18.17
CA SER B 97 14.85 -1.49 17.93
C SER B 97 14.50 -2.23 19.22
N TYR B 98 15.09 -1.85 20.35
CA TYR B 98 14.83 -2.56 21.60
C TYR B 98 13.44 -2.25 22.12
N THR B 99 13.03 -0.99 22.09
CA THR B 99 11.79 -0.56 22.72
C THR B 99 10.74 -0.10 21.72
N THR B 100 10.98 -0.29 20.43
CA THR B 100 10.05 0.04 19.35
C THR B 100 9.68 1.53 19.30
N ASN B 101 10.43 2.37 20.01
CA ASN B 101 10.13 3.81 20.03
C ASN B 101 10.75 4.49 18.81
N LYS B 102 10.17 5.64 18.46
CA LYS B 102 10.65 6.46 17.36
C LYS B 102 11.48 7.60 17.93
N VAL B 103 12.79 7.55 17.72
CA VAL B 103 13.66 8.62 18.22
C VAL B 103 13.47 9.90 17.41
N HIS B 104 13.40 9.78 16.09
CA HIS B 104 13.21 10.94 15.22
C HIS B 104 12.36 10.56 14.03
N ALA B 105 11.67 11.56 13.47
CA ALA B 105 10.91 11.42 12.23
C ALA B 105 11.22 12.64 11.38
N ILE B 106 12.27 12.54 10.56
CA ILE B 106 12.71 13.63 9.70
C ILE B 106 11.82 13.70 8.47
N PRO B 107 11.16 14.84 8.22
CA PRO B 107 10.48 15.02 6.95
C PRO B 107 11.47 15.24 5.82
N LEU B 108 11.08 14.84 4.63
CA LEU B 108 11.94 14.94 3.45
C LEU B 108 11.34 15.93 2.46
N ARG B 109 12.21 16.78 1.90
CA ARG B 109 11.75 17.73 0.89
C ARG B 109 11.30 17.02 -0.38
N SER B 110 11.86 15.85 -0.67
CA SER B 110 11.45 15.02 -1.80
C SER B 110 11.03 13.66 -1.28
N SER B 111 9.78 13.28 -1.53
CA SER B 111 9.26 12.01 -1.04
C SER B 111 9.80 10.81 -1.81
N TRP B 112 10.45 11.03 -2.95
CA TRP B 112 10.95 9.93 -3.78
C TRP B 112 12.36 9.60 -3.33
N VAL B 113 12.46 8.79 -2.29
CA VAL B 113 13.73 8.42 -1.69
C VAL B 113 13.98 6.94 -1.93
N MET B 114 15.14 6.61 -2.46
CA MET B 114 15.50 5.24 -2.79
C MET B 114 16.62 4.69 -1.92
N THR B 115 17.26 5.51 -1.10
CA THR B 115 18.36 5.04 -0.27
C THR B 115 18.45 5.88 0.99
N CYS B 116 19.06 5.28 2.02
CA CYS B 116 19.34 5.99 3.27
C CYS B 116 20.56 5.36 3.90
N ALA B 117 21.25 6.14 4.74
CA ALA B 117 22.47 5.67 5.38
C ALA B 117 22.54 6.23 6.79
N TYR B 118 23.27 5.52 7.64
CA TYR B 118 23.51 5.92 9.02
C TYR B 118 25.01 6.09 9.22
N ALA B 119 25.42 7.22 9.77
CA ALA B 119 26.84 7.49 9.93
C ALA B 119 27.43 6.56 10.99
N PRO B 120 28.70 6.17 10.83
CA PRO B 120 29.33 5.31 11.84
C PRO B 120 29.46 5.97 13.20
N SER B 121 29.38 7.29 13.27
CA SER B 121 29.42 7.98 14.56
C SER B 121 28.05 8.18 15.17
N GLY B 122 26.98 7.86 14.44
CA GLY B 122 25.64 8.07 14.94
C GLY B 122 25.16 9.51 14.92
N ASN B 123 25.91 10.41 14.27
CA ASN B 123 25.58 11.83 14.28
C ASN B 123 24.80 12.27 13.06
N TYR B 124 25.03 11.67 11.89
CA TYR B 124 24.44 12.14 10.65
C TYR B 124 23.64 11.02 9.99
N VAL B 125 22.66 11.41 9.19
CA VAL B 125 21.85 10.48 8.41
C VAL B 125 21.76 10.99 6.98
N ALA B 126 22.01 10.12 6.02
CA ALA B 126 21.96 10.49 4.62
C ALA B 126 20.71 9.92 3.96
N CYS B 127 20.23 10.63 2.94
CA CYS B 127 19.10 10.15 2.14
C CYS B 127 19.23 10.69 0.73
N GLY B 128 18.55 10.04 -0.20
CA GLY B 128 18.60 10.48 -1.59
C GLY B 128 17.64 9.67 -2.44
N GLY B 129 17.44 10.14 -3.67
CA GLY B 129 16.53 9.46 -4.57
C GLY B 129 16.40 10.11 -5.93
N LEU B 130 15.16 10.20 -6.42
CA LEU B 130 14.91 10.75 -7.75
C LEU B 130 15.19 12.25 -7.83
N ASP B 131 15.43 12.90 -6.70
CA ASP B 131 15.79 14.32 -6.68
C ASP B 131 17.23 14.56 -7.10
N ASN B 132 18.03 13.50 -7.29
CA ASN B 132 19.43 13.59 -7.72
C ASN B 132 20.30 14.33 -6.70
N ILE B 133 19.87 14.37 -5.45
CA ILE B 133 20.57 15.11 -4.40
C ILE B 133 20.76 14.20 -3.20
N CYS B 134 21.96 14.22 -2.61
CA CYS B 134 22.24 13.50 -1.39
C CYS B 134 22.12 14.47 -0.21
N SER B 135 21.07 14.30 0.59
CA SER B 135 20.81 15.17 1.73
C SER B 135 21.40 14.55 2.99
N ILE B 136 22.20 15.34 3.71
CA ILE B 136 22.83 14.94 4.96
C ILE B 136 22.19 15.73 6.07
N TYR B 137 21.63 15.03 7.06
CA TYR B 137 20.95 15.63 8.20
C TYR B 137 21.74 15.37 9.46
N ASN B 138 21.82 16.39 10.32
CA ASN B 138 22.55 16.31 11.57
C ASN B 138 21.57 16.03 12.70
N LEU B 139 21.89 15.05 13.54
CA LEU B 139 21.03 14.63 14.63
C LEU B 139 21.42 15.26 15.97
N LYS B 140 22.67 15.66 16.14
CA LYS B 140 23.19 16.17 17.41
C LYS B 140 23.25 17.69 17.44
N THR B 141 22.28 18.35 16.83
CA THR B 141 22.25 19.81 16.84
C THR B 141 21.92 20.33 18.22
N ARG B 142 22.48 21.51 18.54
CA ARG B 142 22.18 22.14 19.83
C ARG B 142 20.74 22.61 19.91
N GLU B 143 20.13 22.96 18.77
CA GLU B 143 18.76 23.43 18.77
C GLU B 143 17.79 22.35 19.25
N GLY B 144 18.15 21.08 19.08
CA GLY B 144 17.34 19.98 19.53
C GLY B 144 16.52 19.30 18.46
N ASN B 145 16.37 19.91 17.29
CA ASN B 145 15.61 19.35 16.19
C ASN B 145 16.53 19.03 15.03
N VAL B 146 16.18 17.97 14.30
CA VAL B 146 17.00 17.50 13.18
C VAL B 146 16.75 18.41 11.98
N ARG B 147 17.77 19.16 11.58
CA ARG B 147 17.68 20.06 10.43
C ARG B 147 18.66 19.63 9.36
N VAL B 148 18.40 20.06 8.13
CA VAL B 148 19.24 19.69 7.00
C VAL B 148 20.59 20.36 7.17
N SER B 149 21.66 19.57 7.17
CA SER B 149 22.99 20.12 7.32
C SER B 149 23.68 20.35 5.98
N ARG B 150 23.58 19.41 5.05
CA ARG B 150 24.24 19.55 3.76
C ARG B 150 23.38 18.95 2.66
N GLU B 151 23.61 19.42 1.43
CA GLU B 151 22.97 18.86 0.25
C GLU B 151 24.00 18.76 -0.86
N LEU B 152 24.12 17.56 -1.44
CA LEU B 152 25.11 17.28 -2.49
C LEU B 152 24.35 17.07 -3.78
N ALA B 153 24.24 18.14 -4.58
CA ALA B 153 23.59 18.09 -5.88
C ALA B 153 24.65 18.10 -6.99
N GLY B 154 25.24 16.93 -7.23
CA GLY B 154 26.24 16.81 -8.27
C GLY B 154 26.03 15.69 -9.26
N HIS B 155 24.96 14.92 -9.07
CA HIS B 155 24.66 13.78 -9.93
C HIS B 155 23.58 14.17 -10.94
N THR B 156 23.70 13.66 -12.16
CA THR B 156 22.71 13.89 -13.20
C THR B 156 21.67 12.79 -13.27
N GLY B 157 21.77 11.77 -12.40
CA GLY B 157 20.78 10.72 -12.34
C GLY B 157 20.30 10.53 -10.91
N TYR B 158 19.32 9.65 -10.76
CA TYR B 158 18.75 9.38 -9.45
C TYR B 158 19.78 8.73 -8.54
N LEU B 159 19.76 9.12 -7.27
CA LEU B 159 20.67 8.56 -6.28
C LEU B 159 20.17 7.19 -5.86
N SER B 160 21.00 6.16 -6.05
CA SER B 160 20.58 4.80 -5.79
C SER B 160 21.10 4.25 -4.47
N CYS B 161 22.29 4.65 -4.03
CA CYS B 161 22.86 4.17 -2.78
C CYS B 161 23.82 5.21 -2.25
N CYS B 162 24.05 5.16 -0.93
CA CYS B 162 24.99 6.06 -0.28
C CYS B 162 25.46 5.43 1.02
N ARG B 163 26.74 5.57 1.32
CA ARG B 163 27.32 5.03 2.53
C ARG B 163 28.37 6.00 3.07
N PHE B 164 28.44 6.11 4.39
CA PHE B 164 29.37 7.02 5.04
C PHE B 164 30.72 6.35 5.22
N LEU B 165 31.76 6.91 4.60
CA LEU B 165 33.12 6.52 4.97
C LEU B 165 33.47 7.02 6.36
N ASP B 166 33.17 8.29 6.62
CA ASP B 166 33.45 8.93 7.90
C ASP B 166 32.34 9.95 8.15
N ASP B 167 32.58 10.87 9.09
CA ASP B 167 31.65 11.96 9.32
C ASP B 167 31.78 13.07 8.28
N ASN B 168 32.88 13.09 7.53
CA ASN B 168 33.12 14.13 6.55
C ASN B 168 33.17 13.60 5.12
N GLN B 169 33.12 12.29 4.91
CA GLN B 169 33.18 11.71 3.58
C GLN B 169 32.04 10.72 3.39
N ILE B 170 31.39 10.78 2.24
CA ILE B 170 30.30 9.87 1.91
C ILE B 170 30.41 9.49 0.44
N VAL B 171 30.23 8.21 0.15
CA VAL B 171 30.30 7.67 -1.20
C VAL B 171 28.89 7.36 -1.66
N THR B 172 28.55 7.82 -2.86
CA THR B 172 27.22 7.64 -3.41
C THR B 172 27.32 7.04 -4.81
N SER B 173 26.24 6.39 -5.23
CA SER B 173 26.13 5.82 -6.56
C SER B 173 24.87 6.37 -7.23
N SER B 174 24.95 6.66 -8.51
CA SER B 174 23.84 7.29 -9.21
C SER B 174 23.42 6.46 -10.41
N GLY B 175 22.26 6.81 -10.97
CA GLY B 175 21.73 6.21 -12.16
C GLY B 175 22.35 6.72 -13.44
N ASP B 176 23.27 7.68 -13.35
CA ASP B 176 24.04 8.14 -14.50
C ASP B 176 25.32 7.35 -14.71
N THR B 177 25.34 6.09 -14.27
CA THR B 177 26.44 5.16 -14.47
C THR B 177 27.73 5.64 -13.80
N THR B 178 27.62 6.39 -12.69
CA THR B 178 28.81 6.87 -11.99
C THR B 178 28.64 6.70 -10.50
N CYS B 179 29.77 6.79 -9.80
CA CYS B 179 29.83 6.89 -8.36
C CYS B 179 30.64 8.14 -7.99
N ALA B 180 30.46 8.61 -6.77
CA ALA B 180 31.12 9.83 -6.35
C ALA B 180 31.48 9.78 -4.88
N LEU B 181 32.73 10.09 -4.57
CA LEU B 181 33.18 10.31 -3.20
C LEU B 181 33.19 11.81 -2.94
N TRP B 182 32.45 12.23 -1.92
CA TRP B 182 32.20 13.63 -1.64
C TRP B 182 32.99 14.09 -0.41
N ASP B 183 32.92 15.39 -0.15
CA ASP B 183 33.42 15.99 1.08
C ASP B 183 32.28 16.81 1.68
N ILE B 184 31.77 16.37 2.82
CA ILE B 184 30.51 16.92 3.34
C ILE B 184 30.68 18.39 3.71
N GLU B 185 31.78 18.74 4.37
CA GLU B 185 31.93 20.12 4.84
C GLU B 185 32.07 21.11 3.68
N THR B 186 32.59 20.67 2.54
CA THR B 186 32.72 21.55 1.39
C THR B 186 31.48 21.54 0.51
N GLY B 187 30.90 20.36 0.27
CA GLY B 187 29.71 20.23 -0.53
C GLY B 187 29.93 19.80 -1.96
N GLN B 188 31.18 19.61 -2.37
CA GLN B 188 31.51 19.19 -3.73
C GLN B 188 32.22 17.85 -3.70
N GLN B 189 31.98 17.05 -4.74
CA GLN B 189 32.59 15.74 -4.82
C GLN B 189 34.09 15.87 -5.05
N THR B 190 34.86 15.05 -4.33
CA THR B 190 36.30 15.03 -4.47
C THR B 190 36.77 13.98 -5.47
N THR B 191 36.01 12.91 -5.66
CA THR B 191 36.40 11.86 -6.59
C THR B 191 35.19 11.39 -7.37
N THR B 192 35.37 11.16 -8.67
CA THR B 192 34.33 10.63 -9.54
C THR B 192 34.79 9.30 -10.13
N PHE B 193 33.97 8.27 -9.97
CA PHE B 193 34.26 6.93 -10.46
C PHE B 193 33.37 6.67 -11.66
N THR B 194 33.98 6.49 -12.83
CA THR B 194 33.27 6.25 -14.07
C THR B 194 33.80 4.99 -14.74
N GLY B 195 32.96 4.37 -15.55
CA GLY B 195 33.34 3.14 -16.23
C GLY B 195 32.19 2.17 -16.41
N HIS B 196 31.13 2.35 -15.66
CA HIS B 196 29.94 1.53 -15.83
C HIS B 196 29.18 1.94 -17.08
N THR B 197 28.61 0.95 -17.77
CA THR B 197 27.75 1.21 -18.92
C THR B 197 26.27 1.13 -18.56
N GLY B 198 25.94 0.93 -17.28
CA GLY B 198 24.55 0.90 -16.85
C GLY B 198 24.40 1.64 -15.54
N ASP B 199 23.13 1.86 -15.17
CA ASP B 199 22.82 2.61 -13.96
C ASP B 199 23.31 1.85 -12.74
N VAL B 200 24.15 2.50 -11.93
CA VAL B 200 24.69 1.85 -10.73
C VAL B 200 23.57 1.77 -9.70
N MET B 201 23.27 0.55 -9.26
CA MET B 201 22.14 0.31 -8.38
C MET B 201 22.52 -0.03 -6.95
N SER B 202 23.68 -0.62 -6.72
CA SER B 202 24.05 -1.04 -5.37
C SER B 202 25.50 -0.66 -5.09
N LEU B 203 25.78 -0.35 -3.82
CA LEU B 203 27.09 0.08 -3.38
C LEU B 203 27.39 -0.55 -2.03
N SER B 204 28.64 -0.95 -1.83
CA SER B 204 29.04 -1.55 -0.56
C SER B 204 30.47 -1.17 -0.23
N LEU B 205 30.68 -0.66 0.97
CA LEU B 205 32.01 -0.29 1.44
C LEU B 205 32.71 -1.49 2.06
N ALA B 206 34.04 -1.51 1.92
CA ALA B 206 34.83 -2.54 2.56
C ALA B 206 34.92 -2.28 4.06
N PRO B 207 35.19 -3.32 4.85
CA PRO B 207 35.32 -3.11 6.30
C PRO B 207 36.40 -2.12 6.68
N ASP B 208 37.49 -2.04 5.92
CA ASP B 208 38.57 -1.10 6.19
C ASP B 208 38.37 0.25 5.54
N THR B 209 37.24 0.44 4.82
CA THR B 209 36.89 1.71 4.20
C THR B 209 38.01 2.26 3.31
N ARG B 210 38.74 1.36 2.65
CA ARG B 210 39.75 1.73 1.68
C ARG B 210 39.34 1.42 0.24
N LEU B 211 38.48 0.43 0.05
CA LEU B 211 37.93 0.08 -1.25
C LEU B 211 36.42 -0.03 -1.13
N PHE B 212 35.74 -0.07 -2.27
CA PHE B 212 34.31 -0.37 -2.26
C PHE B 212 33.95 -1.07 -3.56
N VAL B 213 32.74 -1.59 -3.62
CA VAL B 213 32.27 -2.35 -4.76
C VAL B 213 30.90 -1.82 -5.17
N SER B 214 30.67 -1.73 -6.48
CA SER B 214 29.42 -1.19 -7.00
C SER B 214 28.86 -2.12 -8.07
N GLY B 215 27.57 -2.41 -7.97
CA GLY B 215 26.86 -3.22 -8.95
C GLY B 215 25.86 -2.36 -9.71
N ALA B 216 25.86 -2.51 -11.02
CA ALA B 216 25.05 -1.69 -11.92
C ALA B 216 24.14 -2.57 -12.77
N CYS B 217 23.40 -1.92 -13.67
CA CYS B 217 22.46 -2.62 -14.54
C CYS B 217 23.13 -3.32 -15.71
N ASP B 218 24.42 -3.11 -15.91
CA ASP B 218 25.16 -3.78 -16.99
C ASP B 218 25.60 -5.19 -16.62
N ALA B 219 25.00 -5.76 -15.56
CA ALA B 219 25.28 -7.13 -15.12
C ALA B 219 26.75 -7.33 -14.76
N SER B 220 27.40 -6.28 -14.26
CA SER B 220 28.79 -6.36 -13.84
C SER B 220 28.98 -5.58 -12.57
N ALA B 221 29.93 -6.02 -11.75
CA ALA B 221 30.27 -5.35 -10.49
C ALA B 221 31.72 -4.89 -10.57
N LYS B 222 31.96 -3.63 -10.22
CA LYS B 222 33.29 -3.05 -10.31
C LYS B 222 33.82 -2.73 -8.92
N LEU B 223 35.07 -3.06 -8.69
CA LEU B 223 35.77 -2.78 -7.44
C LEU B 223 36.58 -1.49 -7.63
N TRP B 224 36.32 -0.51 -6.79
CA TRP B 224 36.96 0.80 -6.88
C TRP B 224 37.81 1.07 -5.65
N ASP B 225 38.88 1.83 -5.85
CA ASP B 225 39.80 2.24 -4.81
C ASP B 225 39.47 3.68 -4.42
N VAL B 226 39.23 3.90 -3.13
CA VAL B 226 38.88 5.24 -2.66
C VAL B 226 40.04 6.20 -2.85
N ARG B 227 41.26 5.76 -2.53
CA ARG B 227 42.41 6.67 -2.59
C ARG B 227 42.76 7.03 -4.03
N GLU B 228 42.86 6.04 -4.91
CA GLU B 228 43.29 6.31 -6.27
C GLU B 228 42.15 6.84 -7.14
N GLY B 229 40.96 6.28 -6.98
CA GLY B 229 39.80 6.76 -7.71
C GLY B 229 39.56 6.10 -9.05
N MET B 230 40.12 4.92 -9.30
CA MET B 230 39.95 4.23 -10.57
C MET B 230 39.60 2.78 -10.32
N CYS B 231 38.89 2.18 -11.27
CA CYS B 231 38.45 0.80 -11.14
C CYS B 231 39.65 -0.14 -11.19
N ARG B 232 39.61 -1.18 -10.35
CA ARG B 232 40.68 -2.17 -10.27
C ARG B 232 40.28 -3.53 -10.81
N GLN B 233 39.06 -3.99 -10.53
CA GLN B 233 38.59 -5.28 -11.01
C GLN B 233 37.14 -5.17 -11.46
N THR B 234 36.77 -6.03 -12.43
CA THR B 234 35.42 -6.09 -12.95
C THR B 234 34.97 -7.54 -12.96
N PHE B 235 33.75 -7.79 -12.49
CA PHE B 235 33.20 -9.14 -12.39
C PHE B 235 31.91 -9.22 -13.20
N THR B 236 31.79 -10.26 -14.00
CA THR B 236 30.60 -10.52 -14.81
C THR B 236 30.04 -11.90 -14.48
N GLY B 237 28.95 -12.26 -15.15
CA GLY B 237 28.34 -13.55 -14.95
C GLY B 237 26.82 -13.49 -14.88
N HIS B 238 26.30 -12.37 -14.40
CA HIS B 238 24.85 -12.22 -14.30
C HIS B 238 24.24 -11.97 -15.67
N GLU B 239 22.99 -12.38 -15.83
CA GLU B 239 22.25 -12.22 -17.06
C GLU B 239 21.25 -11.08 -17.02
N SER B 240 21.23 -10.31 -15.93
CA SER B 240 20.28 -9.20 -15.80
C SER B 240 20.91 -8.14 -14.90
N ASP B 241 20.11 -7.15 -14.52
CA ASP B 241 20.60 -6.03 -13.75
C ASP B 241 20.91 -6.45 -12.31
N ILE B 242 21.99 -5.92 -11.77
CA ILE B 242 22.38 -6.19 -10.38
C ILE B 242 21.74 -5.14 -9.49
N ASN B 243 20.92 -5.58 -8.54
CA ASN B 243 20.19 -4.67 -7.67
C ASN B 243 20.80 -4.54 -6.28
N ALA B 244 21.52 -5.56 -5.81
CA ALA B 244 22.04 -5.57 -4.45
C ALA B 244 23.49 -5.99 -4.46
N ILE B 245 24.23 -5.54 -3.45
CA ILE B 245 25.64 -5.91 -3.28
C ILE B 245 25.98 -5.73 -1.81
N CYS B 246 26.91 -6.55 -1.33
CA CYS B 246 27.32 -6.51 0.06
C CYS B 246 28.68 -7.17 0.20
N PHE B 247 29.54 -6.58 1.03
CA PHE B 247 30.87 -7.11 1.25
C PHE B 247 30.83 -8.24 2.27
N PHE B 248 31.65 -9.27 2.02
CA PHE B 248 31.87 -10.30 3.01
C PHE B 248 32.56 -9.70 4.24
N PRO B 249 32.30 -10.23 5.43
CA PRO B 249 32.87 -9.62 6.64
C PRO B 249 34.38 -9.54 6.65
N ASN B 250 35.08 -10.48 5.99
CA ASN B 250 36.54 -10.44 5.98
C ASN B 250 37.09 -9.42 5.00
N GLY B 251 36.26 -8.85 4.13
CA GLY B 251 36.69 -7.84 3.19
C GLY B 251 37.36 -8.36 1.94
N ASN B 252 37.28 -9.67 1.67
CA ASN B 252 37.92 -10.25 0.50
C ASN B 252 36.94 -10.73 -0.56
N ALA B 253 35.67 -10.95 -0.20
CA ALA B 253 34.66 -11.39 -1.16
C ALA B 253 33.45 -10.47 -1.06
N PHE B 254 32.51 -10.66 -1.97
CA PHE B 254 31.26 -9.90 -1.93
C PHE B 254 30.18 -10.65 -2.70
N ALA B 255 28.94 -10.46 -2.27
CA ALA B 255 27.79 -11.12 -2.86
C ALA B 255 26.95 -10.13 -3.65
N THR B 256 26.39 -10.58 -4.77
CA THR B 256 25.59 -9.75 -5.65
C THR B 256 24.26 -10.44 -5.93
N GLY B 257 23.19 -9.67 -5.90
CA GLY B 257 21.87 -10.15 -6.26
C GLY B 257 21.38 -9.46 -7.52
N SER B 258 20.74 -10.24 -8.39
CA SER B 258 20.35 -9.76 -9.72
C SER B 258 18.87 -10.05 -9.94
N ASP B 259 18.38 -9.63 -11.11
CA ASP B 259 17.02 -9.93 -11.53
C ASP B 259 16.90 -11.32 -12.16
N ASP B 260 18.02 -12.03 -12.33
CA ASP B 260 18.00 -13.40 -12.82
C ASP B 260 17.64 -14.41 -11.74
N ALA B 261 17.12 -13.94 -10.60
CA ALA B 261 16.75 -14.79 -9.47
C ALA B 261 17.94 -15.57 -8.93
N THR B 262 19.14 -15.04 -9.13
CA THR B 262 20.36 -15.72 -8.71
C THR B 262 21.23 -14.76 -7.92
N CYS B 263 21.84 -15.28 -6.85
CA CYS B 263 22.88 -14.58 -6.13
C CYS B 263 24.24 -15.19 -6.49
N ARG B 264 25.28 -14.35 -6.48
CA ARG B 264 26.60 -14.83 -6.83
C ARG B 264 27.63 -14.29 -5.87
N LEU B 265 28.59 -15.12 -5.49
CA LEU B 265 29.66 -14.75 -4.57
C LEU B 265 30.96 -14.62 -5.35
N PHE B 266 31.45 -13.39 -5.47
CA PHE B 266 32.70 -13.11 -6.16
C PHE B 266 33.82 -12.89 -5.15
N ASP B 267 35.03 -13.23 -5.56
CA ASP B 267 36.23 -13.04 -4.74
C ASP B 267 37.17 -12.05 -5.42
N LEU B 268 37.69 -11.11 -4.64
CA LEU B 268 38.60 -10.10 -5.19
C LEU B 268 39.93 -10.72 -5.57
N ARG B 269 40.51 -11.55 -4.69
CA ARG B 269 41.82 -12.12 -4.96
C ARG B 269 41.76 -13.13 -6.09
N ALA B 270 40.76 -14.01 -6.09
CA ALA B 270 40.62 -14.97 -7.18
C ALA B 270 40.15 -14.33 -8.47
N ASP B 271 39.51 -13.16 -8.38
CA ASP B 271 39.05 -12.42 -9.56
C ASP B 271 38.11 -13.25 -10.43
N GLN B 272 37.24 -14.03 -9.79
CA GLN B 272 36.25 -14.81 -10.50
C GLN B 272 35.14 -15.20 -9.53
N GLU B 273 34.00 -15.60 -10.08
CA GLU B 273 32.89 -16.04 -9.26
C GLU B 273 33.20 -17.39 -8.62
N LEU B 274 32.66 -17.60 -7.43
CA LEU B 274 32.89 -18.81 -6.65
C LEU B 274 31.66 -19.69 -6.54
N MET B 275 30.51 -19.11 -6.18
CA MET B 275 29.32 -19.90 -5.91
C MET B 275 28.08 -19.14 -6.35
N THR B 276 27.12 -19.87 -6.92
CA THR B 276 25.85 -19.31 -7.36
C THR B 276 24.73 -19.92 -6.53
N TYR B 277 23.89 -19.06 -5.96
CA TYR B 277 22.75 -19.47 -5.14
C TYR B 277 21.49 -19.22 -5.93
N SER B 278 20.78 -20.29 -6.28
CA SER B 278 19.55 -20.19 -7.03
C SER B 278 18.71 -21.44 -6.78
N HIS B 279 17.43 -21.33 -7.11
CA HIS B 279 16.50 -22.46 -6.97
C HIS B 279 15.61 -22.51 -8.21
N ASP B 280 15.11 -23.71 -8.50
CA ASP B 280 14.32 -23.90 -9.71
C ASP B 280 13.02 -23.10 -9.66
N ASN B 281 12.34 -23.10 -8.52
CA ASN B 281 11.05 -22.42 -8.41
C ASN B 281 11.18 -20.93 -8.13
N ILE B 282 12.39 -20.41 -8.00
CA ILE B 282 12.61 -18.98 -7.76
C ILE B 282 12.83 -18.31 -9.11
N ILE B 283 11.94 -17.40 -9.47
CA ILE B 283 12.01 -16.67 -10.73
C ILE B 283 12.01 -15.16 -10.53
N CYS B 284 11.83 -14.68 -9.31
CA CYS B 284 11.78 -13.25 -9.03
C CYS B 284 13.16 -12.74 -8.67
N GLY B 285 13.38 -11.45 -8.92
CA GLY B 285 14.67 -10.85 -8.69
C GLY B 285 14.96 -10.64 -7.21
N ILE B 286 16.23 -10.31 -6.94
CA ILE B 286 16.71 -10.05 -5.59
C ILE B 286 16.85 -8.55 -5.41
N THR B 287 16.28 -8.02 -4.33
CA THR B 287 16.36 -6.60 -4.02
C THR B 287 17.50 -6.26 -3.07
N SER B 288 17.73 -7.07 -2.04
CA SER B 288 18.77 -6.80 -1.06
C SER B 288 19.52 -8.07 -0.74
N VAL B 289 20.80 -7.92 -0.41
CA VAL B 289 21.63 -9.01 0.07
C VAL B 289 22.38 -8.53 1.30
N SER B 290 22.76 -9.48 2.16
CA SER B 290 23.51 -9.17 3.36
C SER B 290 24.15 -10.45 3.88
N PHE B 291 25.14 -10.29 4.75
CA PHE B 291 25.80 -11.40 5.40
C PHE B 291 25.58 -11.32 6.90
N SER B 292 25.76 -12.46 7.56
CA SER B 292 25.75 -12.48 9.01
C SER B 292 27.10 -12.02 9.54
N LYS B 293 27.25 -12.00 10.87
CA LYS B 293 28.50 -11.54 11.45
C LYS B 293 29.65 -12.48 11.09
N SER B 294 29.41 -13.79 11.09
CA SER B 294 30.45 -14.75 10.74
C SER B 294 30.54 -14.98 9.23
N GLY B 295 29.59 -14.48 8.45
CA GLY B 295 29.59 -14.71 7.02
C GLY B 295 29.07 -16.07 6.60
N ARG B 296 28.57 -16.87 7.54
CA ARG B 296 28.07 -18.20 7.19
C ARG B 296 26.71 -18.13 6.51
N LEU B 297 25.87 -17.17 6.89
CA LEU B 297 24.52 -17.03 6.34
C LEU B 297 24.50 -15.84 5.40
N LEU B 298 23.95 -16.05 4.20
CA LEU B 298 23.74 -14.99 3.22
C LEU B 298 22.24 -14.75 3.12
N LEU B 299 21.78 -13.63 3.66
CA LEU B 299 20.37 -13.29 3.63
C LEU B 299 20.07 -12.45 2.41
N ALA B 300 18.94 -12.72 1.76
CA ALA B 300 18.57 -12.02 0.53
C ALA B 300 17.08 -11.79 0.48
N GLY B 301 16.68 -10.55 0.22
CA GLY B 301 15.27 -10.23 0.03
C GLY B 301 14.86 -10.41 -1.42
N TYR B 302 13.71 -11.02 -1.63
CA TYR B 302 13.21 -11.35 -2.96
C TYR B 302 11.92 -10.59 -3.25
N ASP B 303 11.46 -10.70 -4.49
CA ASP B 303 10.20 -10.09 -4.91
C ASP B 303 8.99 -10.95 -4.62
N ASP B 304 9.18 -12.19 -4.15
CA ASP B 304 8.08 -13.08 -3.83
C ASP B 304 7.61 -12.92 -2.38
N PHE B 305 7.80 -11.73 -1.82
CA PHE B 305 7.34 -11.34 -0.48
C PHE B 305 8.10 -12.05 0.63
N ASN B 306 9.17 -12.76 0.32
CA ASN B 306 9.89 -13.56 1.30
C ASN B 306 11.39 -13.28 1.21
N CYS B 307 12.09 -13.57 2.30
CA CYS B 307 13.53 -13.51 2.36
C CYS B 307 14.09 -14.94 2.46
N ASN B 308 15.24 -15.15 1.82
CA ASN B 308 15.89 -16.45 1.82
C ASN B 308 17.24 -16.34 2.49
N VAL B 309 17.50 -17.23 3.44
CA VAL B 309 18.77 -17.30 4.16
C VAL B 309 19.50 -18.51 3.59
N TRP B 310 20.48 -18.25 2.72
CA TRP B 310 21.27 -19.29 2.08
C TRP B 310 22.51 -19.60 2.92
N ASP B 311 22.97 -20.84 2.80
CA ASP B 311 24.26 -21.22 3.36
C ASP B 311 25.35 -20.72 2.41
N ALA B 312 26.19 -19.80 2.90
CA ALA B 312 27.17 -19.14 2.05
C ALA B 312 28.25 -20.09 1.54
N LEU B 313 28.35 -21.30 2.09
CA LEU B 313 29.35 -22.26 1.66
C LEU B 313 28.78 -23.48 0.95
N LYS B 314 27.53 -23.86 1.25
CA LYS B 314 26.92 -25.04 0.67
C LYS B 314 25.85 -24.74 -0.38
N ALA B 315 25.50 -23.46 -0.57
CA ALA B 315 24.49 -23.05 -1.54
C ALA B 315 23.14 -23.71 -1.30
N ASP B 316 22.81 -23.95 -0.03
CA ASP B 316 21.53 -24.55 0.34
C ASP B 316 20.60 -23.48 0.92
N ARG B 317 19.32 -23.60 0.62
CA ARG B 317 18.31 -22.68 1.14
C ARG B 317 18.05 -23.06 2.60
N ALA B 318 18.90 -22.53 3.48
CA ALA B 318 18.87 -22.94 4.88
C ALA B 318 17.63 -22.45 5.60
N GLY B 319 17.12 -21.27 5.25
CA GLY B 319 15.96 -20.76 5.95
C GLY B 319 15.14 -19.82 5.09
N VAL B 320 13.89 -19.62 5.50
CA VAL B 320 12.96 -18.70 4.84
C VAL B 320 12.35 -17.79 5.89
N LEU B 321 12.31 -16.50 5.60
CA LEU B 321 11.67 -15.49 6.46
C LEU B 321 10.47 -14.94 5.71
N ALA B 322 9.27 -15.30 6.17
CA ALA B 322 8.03 -14.86 5.54
C ALA B 322 7.21 -14.07 6.55
N GLY B 323 6.33 -13.21 6.05
CA GLY B 323 5.53 -12.37 6.91
C GLY B 323 5.24 -11.01 6.34
N HIS B 324 5.89 -10.67 5.23
CA HIS B 324 5.64 -9.41 4.53
C HIS B 324 4.61 -9.65 3.43
N ASP B 325 3.58 -8.80 3.39
CA ASP B 325 2.52 -8.94 2.40
C ASP B 325 2.88 -8.35 1.05
N ASN B 326 4.01 -7.63 0.95
CA ASN B 326 4.43 -7.04 -0.31
C ASN B 326 5.90 -7.38 -0.52
N ARG B 327 6.50 -6.80 -1.56
CA ARG B 327 7.87 -7.12 -1.91
C ARG B 327 8.84 -6.63 -0.85
N VAL B 328 9.68 -7.54 -0.35
CA VAL B 328 10.75 -7.14 0.55
C VAL B 328 11.75 -6.29 -0.23
N SER B 329 11.97 -5.06 0.21
CA SER B 329 12.80 -4.10 -0.50
C SER B 329 14.19 -3.97 0.10
N CYS B 330 14.29 -3.85 1.42
CA CYS B 330 15.57 -3.59 2.07
C CYS B 330 15.81 -4.61 3.17
N LEU B 331 17.08 -4.91 3.40
CA LEU B 331 17.48 -5.95 4.33
C LEU B 331 18.80 -5.57 4.96
N GLY B 332 18.85 -5.62 6.28
CA GLY B 332 20.06 -5.25 7.00
C GLY B 332 20.33 -6.20 8.15
N VAL B 333 21.61 -6.41 8.42
CA VAL B 333 22.08 -7.24 9.52
C VAL B 333 22.91 -6.35 10.43
N THR B 334 22.60 -6.39 11.73
CA THR B 334 23.28 -5.55 12.70
C THR B 334 24.75 -5.97 12.84
N ASP B 335 25.56 -5.02 13.32
CA ASP B 335 27.00 -5.24 13.40
C ASP B 335 27.36 -6.39 14.33
N ASP B 336 26.67 -6.48 15.48
CA ASP B 336 26.95 -7.55 16.42
C ASP B 336 26.32 -8.87 16.03
N GLY B 337 25.54 -8.92 14.96
CA GLY B 337 24.92 -10.13 14.51
C GLY B 337 23.64 -10.50 15.22
N MET B 338 23.15 -9.65 16.11
CA MET B 338 21.93 -9.93 16.85
C MET B 338 20.70 -9.62 16.02
N VAL B 340 18.04 -9.15 12.63
CA VAL B 340 17.95 -8.87 11.19
C VAL B 340 16.72 -8.04 10.88
N ALA B 341 16.90 -6.90 10.22
CA ALA B 341 15.80 -6.01 9.91
C ALA B 341 15.42 -6.15 8.44
N THR B 342 14.12 -6.28 8.17
CA THR B 342 13.60 -6.35 6.82
C THR B 342 12.54 -5.29 6.63
N GLY B 343 12.66 -4.50 5.57
CA GLY B 343 11.67 -3.51 5.21
C GLY B 343 11.07 -3.86 3.85
N SER B 344 9.75 -3.81 3.79
CA SER B 344 9.00 -4.25 2.62
C SER B 344 8.05 -3.15 2.18
N TRP B 345 7.53 -3.31 0.96
CA TRP B 345 6.56 -2.36 0.41
C TRP B 345 5.22 -2.38 1.13
N ASP B 346 5.07 -3.19 2.18
CA ASP B 346 3.85 -3.24 2.96
C ASP B 346 3.86 -2.25 4.12
N SER B 347 4.79 -1.29 4.12
CA SER B 347 4.85 -0.20 5.10
C SER B 347 5.16 -0.71 6.50
N PHE B 348 5.84 -1.86 6.61
CA PHE B 348 6.15 -2.46 7.90
C PHE B 348 7.61 -2.88 7.94
N LEU B 349 8.25 -2.69 9.08
CA LEU B 349 9.59 -3.22 9.32
C LEU B 349 9.48 -4.40 10.29
N LYS B 350 10.24 -5.46 10.02
CA LYS B 350 10.23 -6.64 10.88
C LYS B 350 11.65 -6.98 11.30
N ILE B 351 11.85 -7.13 12.60
CA ILE B 351 13.15 -7.45 13.18
C ILE B 351 13.08 -8.87 13.71
N TRP B 352 13.97 -9.71 13.20
CA TRP B 352 14.02 -11.13 13.52
C TRP B 352 15.21 -11.41 14.42
N ILE C 9 35.96 6.32 -31.10
CA ILE C 9 37.40 6.22 -31.33
C ILE C 9 38.14 6.30 -29.99
N ALA C 10 37.96 7.42 -29.30
CA ALA C 10 38.59 7.60 -28.00
C ALA C 10 38.05 6.61 -26.96
N GLN C 11 36.75 6.30 -27.04
CA GLN C 11 36.16 5.34 -26.11
C GLN C 11 36.79 3.96 -26.27
N ALA C 12 37.06 3.55 -27.51
CA ALA C 12 37.72 2.27 -27.74
C ALA C 12 39.12 2.26 -27.13
N ARG C 13 39.86 3.35 -27.28
CA ARG C 13 41.20 3.44 -26.69
C ARG C 13 41.13 3.38 -25.17
N LYS C 14 40.14 4.07 -24.58
CA LYS C 14 39.98 4.01 -23.13
C LYS C 14 39.65 2.60 -22.66
N LEU C 15 38.78 1.90 -23.40
CA LEU C 15 38.45 0.52 -23.06
C LEU C 15 39.68 -0.37 -23.16
N VAL C 16 40.50 -0.18 -24.19
CA VAL C 16 41.71 -0.96 -24.34
C VAL C 16 42.66 -0.71 -23.18
N GLU C 17 42.82 0.55 -22.79
CA GLU C 17 43.70 0.88 -21.67
C GLU C 17 43.18 0.27 -20.37
N GLN C 18 41.86 0.31 -20.15
CA GLN C 18 41.30 -0.28 -18.94
C GLN C 18 41.49 -1.80 -18.93
N LEU C 19 41.31 -2.45 -20.07
CA LEU C 19 41.52 -3.88 -20.15
C LEU C 19 42.98 -4.24 -19.92
N LYS C 20 43.91 -3.42 -20.43
CA LYS C 20 45.33 -3.65 -20.17
C LYS C 20 45.63 -3.50 -18.69
N MET C 21 45.04 -2.50 -18.04
CA MET C 21 45.26 -2.32 -16.60
C MET C 21 44.70 -3.50 -15.81
N GLU C 22 43.51 -3.99 -16.19
CA GLU C 22 42.90 -5.09 -15.45
C GLU C 22 43.63 -6.40 -15.70
N ALA C 23 44.16 -6.62 -16.90
CA ALA C 23 44.83 -7.88 -17.21
C ALA C 23 46.12 -8.03 -16.44
N ASN C 24 46.84 -6.93 -16.21
CA ASN C 24 48.10 -6.95 -15.48
C ASN C 24 47.81 -6.93 -13.98
N ILE C 25 47.28 -8.05 -13.50
CA ILE C 25 46.88 -8.21 -12.11
C ILE C 25 47.35 -9.58 -11.62
N ASP C 26 47.51 -9.69 -10.30
CA ASP C 26 47.92 -10.93 -9.65
C ASP C 26 46.69 -11.68 -9.19
N ARG C 27 46.60 -12.95 -9.56
CA ARG C 27 45.47 -13.80 -9.21
C ARG C 27 45.97 -15.08 -8.57
N ILE C 28 45.14 -15.65 -7.70
CA ILE C 28 45.48 -16.86 -6.97
C ILE C 28 44.51 -17.96 -7.37
N LYS C 29 44.84 -19.19 -6.96
CA LYS C 29 43.99 -20.33 -7.25
C LYS C 29 42.68 -20.23 -6.47
N VAL C 30 41.61 -20.76 -7.08
CA VAL C 30 40.31 -20.75 -6.43
C VAL C 30 40.30 -21.63 -5.18
N SER C 31 41.18 -22.62 -5.11
CA SER C 31 41.25 -23.48 -3.93
C SER C 31 41.65 -22.68 -2.69
N LYS C 32 42.64 -21.80 -2.82
CA LYS C 32 43.06 -20.98 -1.69
C LYS C 32 41.95 -20.03 -1.26
N ALA C 33 41.24 -19.45 -2.22
CA ALA C 33 40.12 -18.57 -1.89
C ALA C 33 39.04 -19.32 -1.14
N ALA C 34 38.70 -20.52 -1.60
CA ALA C 34 37.69 -21.32 -0.92
C ALA C 34 38.15 -21.70 0.49
N ALA C 35 39.42 -22.07 0.64
CA ALA C 35 39.94 -22.44 1.95
C ALA C 35 39.89 -21.26 2.91
N ASP C 36 40.28 -20.07 2.46
CA ASP C 36 40.21 -18.89 3.31
C ASP C 36 38.77 -18.53 3.66
N LEU C 37 37.86 -18.68 2.70
CA LEU C 37 36.45 -18.39 2.95
C LEU C 37 35.88 -19.33 3.99
N MET C 38 36.23 -20.62 3.92
CA MET C 38 35.78 -21.56 4.94
C MET C 38 36.44 -21.29 6.28
N ALA C 39 37.71 -20.92 6.28
CA ALA C 39 38.42 -20.67 7.53
C ALA C 39 37.81 -19.50 8.29
N TYR C 40 37.47 -18.42 7.57
CA TYR C 40 36.85 -17.28 8.24
C TYR C 40 35.50 -17.65 8.85
N CYS C 41 34.69 -18.42 8.11
CA CYS C 41 33.38 -18.81 8.62
C CYS C 41 33.52 -19.70 9.84
N GLU C 42 34.47 -20.63 9.82
CA GLU C 42 34.63 -21.54 10.96
C GLU C 42 35.27 -20.86 12.17
N ALA C 43 36.10 -19.84 11.95
CA ALA C 43 36.75 -19.17 13.07
C ALA C 43 35.76 -18.36 13.89
N HIS C 44 34.79 -17.72 13.23
CA HIS C 44 33.84 -16.84 13.90
C HIS C 44 32.47 -17.49 14.05
N ALA C 45 32.38 -18.81 13.94
CA ALA C 45 31.08 -19.47 14.00
C ALA C 45 30.41 -19.32 15.37
N LYS C 46 31.21 -19.18 16.43
CA LYS C 46 30.65 -19.05 17.77
C LYS C 46 30.18 -17.62 18.08
N GLU C 47 30.54 -16.64 17.25
CA GLU C 47 30.21 -15.25 17.49
C GLU C 47 29.03 -14.77 16.64
N ASP C 48 28.30 -15.69 16.02
CA ASP C 48 27.18 -15.32 15.15
C ASP C 48 25.86 -15.67 15.82
N PRO C 49 25.12 -14.70 16.35
CA PRO C 49 23.82 -15.01 16.96
C PRO C 49 22.81 -15.61 16.00
N LEU C 50 22.93 -15.33 14.70
CA LEU C 50 21.99 -15.90 13.73
C LEU C 50 22.29 -17.37 13.46
N LEU C 51 23.58 -17.73 13.40
CA LEU C 51 23.94 -19.11 13.12
C LEU C 51 23.49 -20.05 14.23
N THR C 52 23.63 -19.62 15.48
CA THR C 52 23.20 -20.41 16.63
C THR C 52 22.27 -19.56 17.48
N PRO C 53 21.03 -20.00 17.71
CA PRO C 53 20.08 -19.18 18.49
C PRO C 53 20.62 -18.87 19.88
N VAL C 54 20.49 -17.61 20.28
CA VAL C 54 20.97 -17.13 21.57
C VAL C 54 19.87 -17.30 22.60
N PRO C 55 20.17 -17.76 23.82
CA PRO C 55 19.15 -17.85 24.86
C PRO C 55 18.56 -16.49 25.16
N ALA C 56 17.29 -16.49 25.57
CA ALA C 56 16.57 -15.24 25.80
C ALA C 56 17.20 -14.40 26.91
N SER C 57 18.03 -15.00 27.76
CA SER C 57 18.72 -14.23 28.79
C SER C 57 19.67 -13.22 28.16
N GLU C 58 20.41 -13.63 27.14
CA GLU C 58 21.37 -12.75 26.47
C GLU C 58 20.80 -12.07 25.23
N ASN C 59 19.60 -12.44 24.81
CA ASN C 59 18.99 -11.84 23.62
C ASN C 59 18.30 -10.54 24.00
N PRO C 60 18.75 -9.40 23.47
CA PRO C 60 18.10 -8.12 23.83
C PRO C 60 16.70 -7.99 23.29
N PHE C 61 16.30 -8.77 22.30
CA PHE C 61 14.97 -8.70 21.73
C PHE C 61 14.03 -9.70 22.41
N ARG C 62 13.91 -9.54 23.72
CA ARG C 62 13.01 -10.39 24.50
C ARG C 62 11.56 -10.04 24.21
N GLU C 63 10.68 -11.02 24.41
CA GLU C 63 9.25 -10.84 24.18
C GLU C 63 8.65 -9.86 25.17
N ALA D 66 -48.63 -27.38 16.35
CA ALA D 66 -48.68 -27.02 14.94
C ALA D 66 -48.15 -25.61 14.74
N ILE D 67 -49.06 -24.68 14.49
CA ILE D 67 -48.63 -23.29 14.33
C ILE D 67 -47.70 -22.88 15.47
N PRO D 68 -48.15 -23.03 16.73
CA PRO D 68 -47.18 -22.69 17.77
C PRO D 68 -45.85 -23.38 17.52
N VAL D 69 -45.89 -24.68 17.26
CA VAL D 69 -44.63 -25.41 17.06
C VAL D 69 -43.83 -24.80 15.92
N ILE D 70 -44.48 -24.55 14.79
CA ILE D 70 -43.75 -23.96 13.66
C ILE D 70 -43.36 -22.53 13.97
N ILE D 71 -44.17 -21.80 14.74
CA ILE D 71 -43.83 -20.42 15.08
C ILE D 71 -42.57 -20.38 15.94
N THR D 72 -42.52 -21.24 16.97
CA THR D 72 -41.34 -21.25 17.82
C THR D 72 -40.14 -21.83 17.08
N ALA D 73 -40.36 -22.73 16.12
CA ALA D 73 -39.26 -23.20 15.28
C ALA D 73 -38.69 -22.07 14.44
N VAL D 74 -39.55 -21.24 13.87
CA VAL D 74 -39.10 -20.08 13.11
C VAL D 74 -38.33 -19.12 14.00
N TYR D 75 -38.85 -18.86 15.20
CA TYR D 75 -38.17 -17.98 16.14
C TYR D 75 -36.79 -18.51 16.49
N SER D 76 -36.70 -19.81 16.78
CA SER D 76 -35.42 -20.41 17.14
C SER D 76 -34.44 -20.37 15.97
N VAL D 77 -34.92 -20.64 14.75
CA VAL D 77 -34.04 -20.61 13.58
C VAL D 77 -33.50 -19.20 13.37
N VAL D 78 -34.38 -18.20 13.45
CA VAL D 78 -33.94 -16.82 13.28
C VAL D 78 -32.94 -16.44 14.36
N PHE D 79 -33.23 -16.81 15.61
CA PHE D 79 -32.33 -16.50 16.72
C PHE D 79 -30.96 -17.12 16.49
N VAL D 80 -30.91 -18.40 16.13
CA VAL D 80 -29.64 -19.09 15.96
C VAL D 80 -28.87 -18.47 14.80
N VAL D 81 -29.53 -18.25 13.66
CA VAL D 81 -28.84 -17.72 12.49
C VAL D 81 -28.29 -16.32 12.79
N GLY D 82 -29.12 -15.46 13.38
CA GLY D 82 -28.67 -14.11 13.68
C GLY D 82 -27.53 -14.09 14.68
N LEU D 83 -27.65 -14.88 15.75
CA LEU D 83 -26.61 -14.90 16.76
C LEU D 83 -25.29 -15.42 16.19
N VAL D 84 -25.35 -16.50 15.42
CA VAL D 84 -24.12 -17.06 14.84
C VAL D 84 -23.49 -16.09 13.87
N GLY D 85 -24.29 -15.49 12.98
CA GLY D 85 -23.74 -14.55 12.02
C GLY D 85 -23.14 -13.32 12.67
N ASN D 86 -23.85 -12.75 13.64
CA ASN D 86 -23.34 -11.57 14.33
C ASN D 86 -22.07 -11.88 15.12
N SER D 87 -22.04 -13.03 15.80
CA SER D 87 -20.84 -13.41 16.54
C SER D 87 -19.66 -13.61 15.60
N LEU D 88 -19.90 -14.25 14.44
CA LEU D 88 -18.83 -14.45 13.48
C LEU D 88 -18.30 -13.13 12.94
N VAL D 89 -19.21 -12.20 12.62
CA VAL D 89 -18.80 -10.90 12.11
C VAL D 89 -18.01 -10.14 13.16
N MET D 90 -18.48 -10.14 14.41
CA MET D 90 -17.78 -9.45 15.48
C MET D 90 -16.41 -10.04 15.71
N PHE D 91 -16.30 -11.38 15.68
CA PHE D 91 -15.01 -12.02 15.88
C PHE D 91 -14.05 -11.70 14.74
N VAL D 92 -14.54 -11.69 13.50
CA VAL D 92 -13.68 -11.36 12.37
C VAL D 92 -13.20 -9.92 12.46
N ILE D 93 -14.10 -9.00 12.83
CA ILE D 93 -13.73 -7.59 12.89
C ILE D 93 -12.76 -7.33 14.04
N ILE D 94 -12.95 -8.02 15.16
CA ILE D 94 -12.10 -7.76 16.32
C ILE D 94 -10.65 -8.17 16.06
N ARG D 95 -10.46 -9.35 15.46
CA ARG D 95 -9.13 -9.94 15.33
C ARG D 95 -8.61 -9.94 13.91
N TYR D 96 -9.35 -10.54 12.97
CA TYR D 96 -8.82 -10.73 11.62
C TYR D 96 -8.61 -9.41 10.89
N THR D 97 -9.56 -8.49 10.98
CA THR D 97 -9.52 -7.25 10.21
C THR D 97 -9.60 -6.06 11.16
N LYS D 98 -8.49 -5.38 11.34
CA LYS D 98 -8.44 -4.22 12.24
C LYS D 98 -9.37 -3.13 11.75
N MET D 99 -9.98 -2.42 12.71
CA MET D 99 -10.94 -1.36 12.41
C MET D 99 -10.20 -0.07 12.07
N LYS D 100 -9.63 -0.04 10.87
CA LYS D 100 -8.91 1.14 10.38
C LYS D 100 -9.74 2.01 9.46
N THR D 101 -10.77 1.45 8.81
CA THR D 101 -11.62 2.19 7.90
C THR D 101 -12.97 2.47 8.55
N ALA D 102 -13.70 3.41 7.95
CA ALA D 102 -15.02 3.75 8.45
C ALA D 102 -16.01 2.60 8.28
N THR D 103 -15.95 1.93 7.13
CA THR D 103 -16.91 0.87 6.84
C THR D 103 -16.78 -0.29 7.82
N ASN D 104 -15.54 -0.63 8.22
CA ASN D 104 -15.36 -1.69 9.20
C ASN D 104 -15.98 -1.33 10.54
N ILE D 105 -15.81 -0.07 10.96
CA ILE D 105 -16.41 0.38 12.22
C ILE D 105 -17.93 0.32 12.14
N TYR D 106 -18.50 0.77 11.02
CA TYR D 106 -19.94 0.70 10.86
C TYR D 106 -20.44 -0.74 10.91
N ILE D 107 -19.73 -1.65 10.23
CA ILE D 107 -20.14 -3.05 10.23
C ILE D 107 -20.05 -3.65 11.63
N PHE D 108 -19.00 -3.31 12.38
CA PHE D 108 -18.87 -3.81 13.74
C PHE D 108 -20.01 -3.33 14.62
N ASN D 109 -20.34 -2.03 14.54
CA ASN D 109 -21.44 -1.51 15.35
C ASN D 109 -22.76 -2.15 14.95
N LEU D 110 -22.99 -2.33 13.65
CA LEU D 110 -24.22 -2.96 13.19
C LEU D 110 -24.32 -4.40 13.69
N ALA D 111 -23.22 -5.15 13.63
CA ALA D 111 -23.22 -6.52 14.11
C ALA D 111 -23.49 -6.60 15.61
N LEU D 112 -22.87 -5.69 16.38
CA LEU D 112 -23.12 -5.66 17.82
C LEU D 112 -24.58 -5.37 18.12
N ALA D 113 -25.16 -4.38 17.43
CA ALA D 113 -26.57 -4.06 17.67
C ALA D 113 -27.47 -5.22 17.27
N ASP D 114 -27.17 -5.89 16.16
CA ASP D 114 -27.99 -7.02 15.73
C ASP D 114 -27.90 -8.18 16.70
N ALA D 115 -26.70 -8.47 17.22
CA ALA D 115 -26.56 -9.53 18.20
C ALA D 115 -27.33 -9.22 19.48
N LEU D 116 -27.24 -7.98 19.95
CA LEU D 116 -27.95 -7.62 21.17
C LEU D 116 -29.46 -7.61 20.96
N VAL D 117 -29.93 -7.30 19.75
CA VAL D 117 -31.36 -7.41 19.47
C VAL D 117 -31.78 -8.87 19.42
N THR D 118 -30.96 -9.73 18.82
CA THR D 118 -31.28 -11.15 18.73
C THR D 118 -31.33 -11.80 20.11
N THR D 119 -30.52 -11.30 21.05
CA THR D 119 -30.55 -11.83 22.41
C THR D 119 -31.94 -11.70 23.04
N THR D 120 -32.73 -10.72 22.60
CA THR D 120 -34.06 -10.50 23.17
C THR D 120 -35.06 -11.58 22.74
N MET D 121 -34.80 -12.26 21.62
CA MET D 121 -35.81 -13.13 21.01
C MET D 121 -36.30 -14.25 21.92
N PRO D 122 -35.44 -15.02 22.63
CA PRO D 122 -35.97 -16.13 23.44
C PRO D 122 -36.95 -15.69 24.52
N PHE D 123 -36.76 -14.50 25.10
CA PHE D 123 -37.73 -14.01 26.07
C PHE D 123 -39.09 -13.79 25.44
N GLN D 124 -39.12 -13.24 24.22
CA GLN D 124 -40.40 -13.05 23.55
C GLN D 124 -41.04 -14.38 23.17
N SER D 125 -40.22 -15.37 22.79
CA SER D 125 -40.75 -16.70 22.51
C SER D 125 -41.35 -17.31 23.78
N THR D 126 -40.67 -17.15 24.92
CA THR D 126 -41.20 -17.64 26.19
C THR D 126 -42.50 -16.95 26.54
N VAL D 127 -42.59 -15.64 26.30
CA VAL D 127 -43.84 -14.92 26.56
C VAL D 127 -44.95 -15.45 25.66
N TYR D 128 -44.64 -15.73 24.40
CA TYR D 128 -45.64 -16.27 23.48
C TYR D 128 -46.14 -17.63 23.94
N LEU D 129 -45.24 -18.49 24.40
CA LEU D 129 -45.63 -19.83 24.79
C LEU D 129 -46.35 -19.84 26.13
N MET D 130 -45.70 -19.35 27.18
CA MET D 130 -46.25 -19.41 28.53
C MET D 130 -47.39 -18.43 28.74
N ASN D 131 -47.57 -17.45 27.85
CA ASN D 131 -48.58 -16.42 27.95
C ASN D 131 -48.40 -15.53 29.18
N SER D 132 -47.23 -15.57 29.80
CA SER D 132 -46.96 -14.77 30.99
C SER D 132 -45.45 -14.52 31.08
N TRP D 133 -45.08 -13.58 31.94
CA TRP D 133 -43.67 -13.24 32.16
C TRP D 133 -43.22 -13.85 33.47
N PRO D 134 -42.40 -14.91 33.45
CA PRO D 134 -41.96 -15.54 34.70
C PRO D 134 -40.67 -14.97 35.29
N PHE D 135 -40.05 -14.00 34.65
CA PHE D 135 -38.78 -13.46 35.12
C PHE D 135 -39.01 -12.26 36.04
N GLY D 136 -37.91 -11.76 36.60
CA GLY D 136 -38.00 -10.65 37.52
C GLY D 136 -38.27 -9.33 36.83
N ASP D 137 -38.62 -8.33 37.64
CA ASP D 137 -38.90 -7.00 37.09
C ASP D 137 -37.65 -6.38 36.49
N VAL D 138 -36.50 -6.55 37.14
CA VAL D 138 -35.25 -5.98 36.64
C VAL D 138 -34.90 -6.60 35.29
N LEU D 139 -35.06 -7.92 35.17
CA LEU D 139 -34.76 -8.58 33.91
C LEU D 139 -35.68 -8.08 32.81
N CYS D 140 -36.96 -7.89 33.11
CA CYS D 140 -37.89 -7.33 32.13
C CYS D 140 -37.49 -5.93 31.70
N LYS D 141 -37.10 -5.09 32.66
CA LYS D 141 -36.69 -3.73 32.33
C LYS D 141 -35.48 -3.73 31.41
N ILE D 142 -34.45 -4.53 31.76
CA ILE D 142 -33.24 -4.52 30.96
C ILE D 142 -33.49 -5.13 29.59
N VAL D 143 -34.35 -6.15 29.50
CA VAL D 143 -34.65 -6.76 28.21
C VAL D 143 -35.39 -5.77 27.31
N ILE D 144 -36.38 -5.06 27.84
CA ILE D 144 -37.10 -4.08 27.04
C ILE D 144 -36.17 -2.96 26.58
N SER D 145 -35.32 -2.47 27.50
CA SER D 145 -34.39 -1.41 27.14
C SER D 145 -33.40 -1.88 26.07
N ILE D 146 -32.90 -3.10 26.20
CA ILE D 146 -32.00 -3.65 25.19
C ILE D 146 -32.70 -3.71 23.84
N ASP D 147 -33.94 -4.21 23.82
CA ASP D 147 -34.68 -4.33 22.57
C ASP D 147 -34.82 -2.98 21.88
N TYR D 148 -35.35 -1.99 22.61
CA TYR D 148 -35.58 -0.69 22.00
C TYR D 148 -34.27 -0.04 21.57
N TYR D 149 -33.29 -0.01 22.48
CA TYR D 149 -32.02 0.67 22.22
C TYR D 149 -31.30 0.07 21.03
N ASN D 150 -31.23 -1.27 20.97
CA ASN D 150 -30.49 -1.90 19.89
C ASN D 150 -31.26 -1.88 18.58
N MET D 151 -32.60 -1.89 18.61
CA MET D 151 -33.34 -1.67 17.38
C MET D 151 -33.02 -0.31 16.79
N PHE D 152 -33.07 0.73 17.63
CA PHE D 152 -32.76 2.07 17.15
C PHE D 152 -31.32 2.16 16.65
N THR D 153 -30.38 1.55 17.39
CA THR D 153 -28.98 1.60 16.99
C THR D 153 -28.77 0.90 15.65
N SER D 154 -29.38 -0.27 15.45
CA SER D 154 -29.23 -0.98 14.19
C SER D 154 -29.80 -0.18 13.03
N ILE D 155 -31.00 0.39 13.22
CA ILE D 155 -31.62 1.15 12.14
C ILE D 155 -30.78 2.38 11.79
N PHE D 156 -30.30 3.10 12.82
CA PHE D 156 -29.50 4.30 12.56
C PHE D 156 -28.16 3.95 11.95
N THR D 157 -27.56 2.81 12.31
CA THR D 157 -26.32 2.40 11.67
C THR D 157 -26.54 2.06 10.21
N LEU D 158 -27.66 1.40 9.88
CA LEU D 158 -27.98 1.16 8.48
C LEU D 158 -28.12 2.48 7.72
N THR D 159 -28.85 3.43 8.31
CA THR D 159 -29.04 4.71 7.66
C THR D 159 -27.72 5.44 7.45
N MET D 160 -26.83 5.39 8.45
CA MET D 160 -25.56 6.09 8.32
C MET D 160 -24.63 5.39 7.34
N MET D 161 -24.69 4.07 7.22
CA MET D 161 -23.93 3.40 6.17
C MET D 161 -24.42 3.83 4.79
N SER D 162 -25.75 3.93 4.62
CA SER D 162 -26.29 4.41 3.36
C SER D 162 -25.80 5.83 3.06
N VAL D 163 -25.85 6.71 4.07
CA VAL D 163 -25.41 8.10 3.87
C VAL D 163 -23.92 8.15 3.56
N ASP D 164 -23.13 7.30 4.24
CA ASP D 164 -21.70 7.27 4.01
C ASP D 164 -21.38 6.87 2.58
N ARG D 165 -22.06 5.84 2.07
CA ARG D 165 -21.81 5.41 0.70
C ARG D 165 -22.29 6.45 -0.31
N TYR D 166 -23.42 7.11 -0.02
CA TYR D 166 -23.88 8.19 -0.88
C TYR D 166 -22.86 9.34 -0.93
N ILE D 167 -22.30 9.69 0.23
CA ILE D 167 -21.29 10.76 0.25
C ILE D 167 -20.04 10.33 -0.49
N ALA D 168 -19.65 9.06 -0.34
CA ALA D 168 -18.46 8.57 -1.04
C ALA D 168 -18.63 8.65 -2.55
N VAL D 169 -19.82 8.33 -3.06
CA VAL D 169 -20.02 8.32 -4.51
C VAL D 169 -20.31 9.72 -5.02
N CYS D 170 -21.39 10.34 -4.55
CA CYS D 170 -21.86 11.59 -5.14
C CYS D 170 -21.06 12.81 -4.70
N HIS D 171 -20.29 12.72 -3.63
CA HIS D 171 -19.45 13.82 -3.16
C HIS D 171 -18.05 13.30 -2.91
N PRO D 172 -17.32 12.91 -3.96
CA PRO D 172 -15.99 12.34 -3.76
C PRO D 172 -15.00 13.29 -3.13
N VAL D 173 -15.09 14.59 -3.43
CA VAL D 173 -14.13 15.54 -2.87
C VAL D 173 -14.35 15.72 -1.37
N LYS D 174 -15.61 15.87 -0.95
CA LYS D 174 -15.91 15.99 0.46
C LYS D 174 -15.71 14.68 1.21
N ALA D 175 -15.75 13.54 0.51
CA ALA D 175 -15.57 12.26 1.16
C ALA D 175 -14.19 12.11 1.75
N LEU D 176 -13.21 12.85 1.20
CA LEU D 176 -11.87 12.83 1.78
C LEU D 176 -11.84 13.46 3.16
N ASP D 177 -12.72 14.43 3.41
CA ASP D 177 -12.81 15.11 4.70
C ASP D 177 -13.87 14.51 5.61
N PHE D 178 -14.57 13.47 5.17
CA PHE D 178 -15.69 12.93 5.93
C PHE D 178 -15.56 11.46 6.27
N ARG D 179 -14.88 10.67 5.43
CA ARG D 179 -14.76 9.24 5.65
C ARG D 179 -13.56 8.86 6.49
N THR D 180 -13.09 9.77 7.33
CA THR D 180 -12.04 9.48 8.29
C THR D 180 -12.55 8.52 9.36
N PRO D 181 -11.76 7.52 9.74
CA PRO D 181 -12.21 6.61 10.82
C PRO D 181 -12.53 7.33 12.11
N LEU D 182 -11.84 8.43 12.42
CA LEU D 182 -12.19 9.21 13.60
C LEU D 182 -13.61 9.77 13.49
N LYS D 183 -13.97 10.30 12.32
CA LYS D 183 -15.32 10.82 12.14
C LYS D 183 -16.35 9.69 12.17
N ALA D 184 -15.98 8.50 11.69
CA ALA D 184 -16.88 7.35 11.82
C ALA D 184 -17.12 7.01 13.28
N LYS D 185 -16.06 7.01 14.10
CA LYS D 185 -16.23 6.74 15.52
C LYS D 185 -17.08 7.81 16.19
N ILE D 186 -16.88 9.08 15.81
CA ILE D 186 -17.69 10.15 16.35
C ILE D 186 -19.16 9.95 15.98
N ILE D 187 -19.43 9.58 14.73
CA ILE D 187 -20.80 9.35 14.28
C ILE D 187 -21.43 8.19 15.05
N ASN D 188 -20.66 7.11 15.26
CA ASN D 188 -21.19 5.99 16.02
C ASN D 188 -21.49 6.39 17.46
N ILE D 189 -20.60 7.15 18.09
CA ILE D 189 -20.85 7.60 19.45
C ILE D 189 -22.11 8.47 19.50
N CYS D 190 -22.30 9.33 18.50
CA CYS D 190 -23.50 10.14 18.44
C CYS D 190 -24.75 9.29 18.27
N ILE D 191 -24.66 8.23 17.46
CA ILE D 191 -25.81 7.34 17.26
C ILE D 191 -26.18 6.66 18.57
N TRP D 192 -25.18 6.13 19.28
CA TRP D 192 -25.46 5.43 20.53
C TRP D 192 -26.00 6.40 21.58
N LEU D 193 -25.47 7.62 21.63
CA LEU D 193 -26.01 8.61 22.56
C LEU D 193 -27.44 8.99 22.21
N LEU D 194 -27.76 9.08 20.91
CA LEU D 194 -29.11 9.42 20.50
C LEU D 194 -30.08 8.30 20.86
N SER D 195 -29.68 7.05 20.66
CA SER D 195 -30.51 5.92 21.09
C SER D 195 -30.60 5.82 22.61
N SER D 196 -29.63 6.40 23.32
CA SER D 196 -29.66 6.36 24.78
C SER D 196 -30.91 7.02 25.34
N SER D 197 -31.51 7.95 24.61
CA SER D 197 -32.75 8.56 25.08
C SER D 197 -33.86 7.52 25.19
N VAL D 198 -34.09 6.75 24.13
CA VAL D 198 -35.09 5.69 24.17
C VAL D 198 -34.68 4.60 25.16
N GLY D 199 -33.39 4.32 25.27
CA GLY D 199 -32.94 3.33 26.24
C GLY D 199 -33.26 3.73 27.67
N ILE D 200 -32.99 4.98 28.02
CA ILE D 200 -33.28 5.47 29.36
C ILE D 200 -34.79 5.54 29.59
N SER D 201 -35.55 5.92 28.55
CA SER D 201 -37.00 5.91 28.68
C SER D 201 -37.53 4.50 28.98
N ALA D 202 -36.98 3.50 28.30
CA ALA D 202 -37.41 2.13 28.53
C ALA D 202 -36.94 1.62 29.90
N ILE D 203 -35.79 2.08 30.38
CA ILE D 203 -35.36 1.71 31.73
C ILE D 203 -36.29 2.30 32.77
N VAL D 204 -36.61 3.58 32.64
CA VAL D 204 -37.39 4.28 33.65
C VAL D 204 -38.83 3.79 33.65
N LEU D 205 -39.44 3.69 32.46
CA LEU D 205 -40.86 3.38 32.37
C LEU D 205 -41.14 1.90 32.22
N GLY D 206 -40.19 1.12 31.70
CA GLY D 206 -40.42 -0.30 31.55
C GLY D 206 -40.54 -1.01 32.89
N GLY D 207 -41.29 -2.11 32.88
CA GLY D 207 -41.51 -2.85 34.10
C GLY D 207 -42.46 -4.00 33.87
N THR D 208 -42.87 -4.62 34.97
CA THR D 208 -43.78 -5.76 34.94
C THR D 208 -44.90 -5.52 35.93
N LYS D 209 -46.13 -5.78 35.50
CA LYS D 209 -47.29 -5.62 36.38
C LYS D 209 -48.18 -6.85 36.29
N VAL D 210 -48.85 -7.13 37.40
CA VAL D 210 -49.71 -8.31 37.51
C VAL D 210 -51.16 -7.87 37.36
N ARG D 211 -51.88 -8.54 36.48
CA ARG D 211 -53.31 -8.32 36.28
C ARG D 211 -54.06 -9.41 37.05
N GLU D 212 -55.03 -8.99 37.87
CA GLU D 212 -55.65 -9.90 38.83
C GLU D 212 -56.80 -10.68 38.20
N ASP D 213 -57.68 -9.99 37.47
CA ASP D 213 -58.83 -10.68 36.89
C ASP D 213 -58.41 -11.75 35.90
N VAL D 214 -57.23 -11.59 35.29
CA VAL D 214 -56.65 -12.63 34.44
C VAL D 214 -55.55 -13.42 35.14
N ASP D 215 -55.04 -12.92 36.27
CA ASP D 215 -53.94 -13.55 37.00
C ASP D 215 -52.73 -13.75 36.10
N VAL D 216 -52.36 -12.71 35.36
CA VAL D 216 -51.29 -12.78 34.38
C VAL D 216 -50.32 -11.64 34.61
N ILE D 217 -49.02 -11.96 34.64
CA ILE D 217 -47.97 -10.96 34.83
C ILE D 217 -47.44 -10.58 33.46
N GLU D 218 -47.52 -9.30 33.12
CA GLU D 218 -47.13 -8.81 31.80
C GLU D 218 -46.02 -7.78 31.93
N CYS D 219 -45.06 -7.87 31.02
CA CYS D 219 -43.88 -7.00 30.97
C CYS D 219 -44.04 -6.03 29.82
N SER D 220 -44.05 -4.73 30.13
CA SER D 220 -44.25 -3.70 29.12
C SER D 220 -43.84 -2.35 29.70
N LEU D 221 -44.08 -1.29 28.93
CA LEU D 221 -43.80 0.07 29.38
C LEU D 221 -45.00 0.60 30.15
N GLN D 222 -44.78 1.03 31.39
CA GLN D 222 -45.85 1.54 32.23
C GLN D 222 -45.97 3.06 32.08
N PHE D 223 -47.18 3.53 31.85
CA PHE D 223 -47.53 4.94 31.76
C PHE D 223 -48.63 5.20 32.77
N PRO D 224 -48.83 6.46 33.16
CA PRO D 224 -49.96 6.77 34.04
C PRO D 224 -51.28 6.33 33.43
N ASP D 225 -52.14 5.74 34.25
CA ASP D 225 -53.37 5.12 33.77
C ASP D 225 -54.44 6.13 33.37
N ASP D 226 -54.29 7.39 33.76
CA ASP D 226 -55.29 8.39 33.36
C ASP D 226 -55.31 8.58 31.85
N ASP D 227 -54.13 8.60 31.23
CA ASP D 227 -53.99 8.74 29.78
C ASP D 227 -52.98 7.72 29.25
N TYR D 228 -53.10 6.48 29.70
CA TYR D 228 -52.20 5.43 29.24
C TYR D 228 -52.34 5.19 27.74
N SER D 229 -53.58 5.19 27.24
CA SER D 229 -53.80 4.94 25.81
C SER D 229 -53.17 6.03 24.96
N TRP D 230 -53.33 7.30 25.36
CA TRP D 230 -52.74 8.38 24.60
C TRP D 230 -51.22 8.31 24.59
N TRP D 231 -50.61 8.05 25.74
CA TRP D 231 -49.16 7.94 25.81
C TRP D 231 -48.66 6.77 24.97
N ASP D 232 -49.34 5.63 25.03
CA ASP D 232 -48.93 4.48 24.23
C ASP D 232 -49.04 4.77 22.74
N LEU D 233 -50.14 5.41 22.33
CA LEU D 233 -50.30 5.75 20.91
C LEU D 233 -49.24 6.74 20.46
N PHE D 234 -48.95 7.75 21.28
CA PHE D 234 -47.92 8.73 20.91
C PHE D 234 -46.55 8.08 20.82
N MET D 235 -46.23 7.18 21.75
CA MET D 235 -44.96 6.49 21.71
C MET D 235 -44.85 5.61 20.47
N LYS D 236 -45.94 4.90 20.13
CA LYS D 236 -45.93 4.08 18.92
C LYS D 236 -45.76 4.93 17.67
N ILE D 237 -46.44 6.08 17.60
CA ILE D 237 -46.32 6.96 16.44
C ILE D 237 -44.90 7.50 16.33
N CYS D 238 -44.32 7.93 17.45
CA CYS D 238 -42.96 8.47 17.43
C CYS D 238 -41.95 7.41 17.00
N VAL D 239 -42.06 6.19 17.55
CA VAL D 239 -41.15 5.12 17.17
C VAL D 239 -41.32 4.78 15.70
N PHE D 240 -42.56 4.67 15.23
CA PHE D 240 -42.81 4.38 13.83
C PHE D 240 -42.17 5.42 12.94
N ILE D 241 -42.42 6.70 13.21
CA ILE D 241 -41.83 7.77 12.40
C ILE D 241 -40.31 7.66 12.39
N PHE D 242 -39.69 7.81 13.56
CA PHE D 242 -38.24 7.94 13.63
C PHE D 242 -37.49 6.63 13.36
N ALA D 243 -38.19 5.49 13.26
CA ALA D 243 -37.51 4.25 12.96
C ALA D 243 -37.85 3.67 11.59
N PHE D 244 -38.91 4.15 10.95
CA PHE D 244 -39.26 3.67 9.61
C PHE D 244 -39.27 4.79 8.59
N VAL D 245 -40.02 5.88 8.85
CA VAL D 245 -40.27 6.86 7.80
C VAL D 245 -39.00 7.61 7.44
N ILE D 246 -38.32 8.15 8.43
CA ILE D 246 -37.06 8.86 8.17
C ILE D 246 -35.99 7.92 7.61
N PRO D 247 -35.69 6.77 8.22
CA PRO D 247 -34.62 5.92 7.66
C PRO D 247 -34.92 5.40 6.27
N VAL D 248 -36.16 4.98 6.00
CA VAL D 248 -36.48 4.46 4.67
C VAL D 248 -36.33 5.55 3.63
N LEU D 249 -36.84 6.75 3.91
CA LEU D 249 -36.71 7.85 2.95
C LEU D 249 -35.25 8.20 2.72
N ILE D 250 -34.45 8.26 3.79
CA ILE D 250 -33.04 8.61 3.64
C ILE D 250 -32.33 7.55 2.80
N ILE D 251 -32.57 6.28 3.09
CA ILE D 251 -31.92 5.20 2.36
C ILE D 251 -32.31 5.24 0.89
N ILE D 252 -33.60 5.42 0.61
CA ILE D 252 -34.08 5.46 -0.77
C ILE D 252 -33.42 6.61 -1.52
N VAL D 253 -33.43 7.80 -0.92
CA VAL D 253 -32.87 8.97 -1.60
C VAL D 253 -31.38 8.78 -1.85
N CYS D 254 -30.65 8.35 -0.82
CA CYS D 254 -29.20 8.23 -0.94
C CYS D 254 -28.83 7.19 -1.99
N TYR D 255 -29.48 6.03 -1.97
CA TYR D 255 -29.12 4.98 -2.91
C TYR D 255 -29.56 5.33 -4.33
N THR D 256 -30.71 5.97 -4.48
CA THR D 256 -31.13 6.40 -5.81
C THR D 256 -30.15 7.41 -6.40
N LEU D 257 -29.72 8.38 -5.58
CA LEU D 257 -28.76 9.36 -6.07
C LEU D 257 -27.42 8.70 -6.39
N MET D 258 -26.99 7.74 -5.57
CA MET D 258 -25.75 7.03 -5.85
C MET D 258 -25.82 6.29 -7.18
N ILE D 259 -26.94 5.58 -7.43
CA ILE D 259 -27.07 4.84 -8.68
C ILE D 259 -27.13 5.78 -9.87
N LEU D 260 -27.85 6.90 -9.73
CA LEU D 260 -27.92 7.87 -10.82
C LEU D 260 -26.55 8.45 -11.13
N ARG D 261 -25.75 8.72 -10.09
CA ARG D 261 -24.40 9.23 -10.32
C ARG D 261 -23.52 8.17 -10.97
N LEU D 262 -23.64 6.92 -10.52
CA LEU D 262 -22.82 5.85 -11.10
C LEU D 262 -23.18 5.58 -12.55
N LYS D 263 -24.42 5.85 -12.94
CA LYS D 263 -24.79 5.72 -14.35
C LYS D 263 -24.00 6.67 -15.24
N SER D 264 -23.50 7.77 -14.69
CA SER D 264 -22.77 8.77 -15.45
C SER D 264 -21.26 8.67 -15.29
N VAL D 265 -20.77 7.63 -14.63
CA VAL D 265 -19.35 7.44 -14.42
C VAL D 265 -18.76 6.75 -15.65
N ARG D 266 -17.73 7.35 -16.23
CA ARG D 266 -17.15 6.83 -17.46
C ARG D 266 -16.53 5.45 -17.25
N LEU D 267 -15.98 5.19 -16.06
CA LEU D 267 -15.35 3.91 -15.80
C LEU D 267 -16.35 2.76 -15.89
N LEU D 268 -17.53 2.92 -15.29
CA LEU D 268 -18.47 1.81 -15.18
C LEU D 268 -19.05 1.41 -16.54
N SER D 269 -19.33 2.40 -17.40
CA SER D 269 -19.93 2.14 -18.70
C SER D 269 -18.89 1.87 -19.79
N GLY D 270 -17.61 1.84 -19.46
CA GLY D 270 -16.58 1.68 -20.47
C GLY D 270 -16.60 0.33 -21.15
N SER D 271 -16.80 -0.74 -20.37
CA SER D 271 -16.66 -2.10 -20.88
C SER D 271 -17.85 -2.94 -20.43
N ARG D 272 -18.01 -4.09 -21.08
CA ARG D 272 -19.08 -5.01 -20.73
C ARG D 272 -18.91 -5.53 -19.30
N GLU D 273 -17.68 -5.87 -18.91
CA GLU D 273 -17.45 -6.39 -17.56
C GLU D 273 -17.70 -5.32 -16.51
N LYS D 274 -17.31 -4.07 -16.79
CA LYS D 274 -17.59 -3.01 -15.84
C LYS D 274 -19.08 -2.70 -15.77
N ASP D 275 -19.78 -2.84 -16.89
CA ASP D 275 -21.24 -2.75 -16.85
C ASP D 275 -21.83 -3.86 -15.99
N ARG D 276 -21.24 -5.06 -16.06
CA ARG D 276 -21.67 -6.15 -15.19
C ARG D 276 -21.43 -5.80 -13.72
N ASN D 277 -20.30 -5.17 -13.42
CA ASN D 277 -20.02 -4.76 -12.05
C ASN D 277 -21.04 -3.71 -11.58
N LEU D 278 -21.37 -2.76 -12.44
CA LEU D 278 -22.39 -1.78 -12.10
C LEU D 278 -23.74 -2.44 -11.85
N ARG D 279 -24.08 -3.43 -12.68
CA ARG D 279 -25.32 -4.18 -12.48
C ARG D 279 -25.30 -4.91 -11.14
N ARG D 280 -24.16 -5.49 -10.78
CA ARG D 280 -24.04 -6.17 -9.49
C ARG D 280 -24.22 -5.19 -8.33
N ILE D 281 -23.64 -4.00 -8.44
CA ILE D 281 -23.79 -3.00 -7.39
C ILE D 281 -25.26 -2.59 -7.26
N THR D 282 -25.93 -2.37 -8.40
CA THR D 282 -27.34 -2.00 -8.36
C THR D 282 -28.18 -3.11 -7.74
N ARG D 283 -27.88 -4.37 -8.10
CA ARG D 283 -28.60 -5.50 -7.53
C ARG D 283 -28.40 -5.57 -6.02
N LEU D 284 -27.17 -5.35 -5.55
CA LEU D 284 -26.91 -5.38 -4.12
C LEU D 284 -27.66 -4.28 -3.39
N VAL D 285 -27.67 -3.07 -3.95
CA VAL D 285 -28.39 -1.97 -3.31
C VAL D 285 -29.88 -2.25 -3.26
N LEU D 286 -30.44 -2.75 -4.37
CA LEU D 286 -31.86 -3.07 -4.39
C LEU D 286 -32.19 -4.18 -3.41
N VAL D 287 -31.31 -5.18 -3.29
CA VAL D 287 -31.52 -6.27 -2.35
C VAL D 287 -31.54 -5.73 -0.92
N VAL D 288 -30.60 -4.85 -0.59
CA VAL D 288 -30.55 -4.27 0.76
C VAL D 288 -31.85 -3.52 1.06
N VAL D 289 -32.26 -2.64 0.14
CA VAL D 289 -33.46 -1.83 0.38
C VAL D 289 -34.69 -2.71 0.49
N ALA D 290 -34.82 -3.69 -0.41
CA ALA D 290 -35.99 -4.56 -0.40
C ALA D 290 -36.04 -5.40 0.87
N VAL D 291 -34.89 -5.91 1.32
CA VAL D 291 -34.87 -6.69 2.55
C VAL D 291 -35.32 -5.83 3.72
N PHE D 292 -34.78 -4.61 3.82
CA PHE D 292 -35.17 -3.74 4.93
C PHE D 292 -36.67 -3.46 4.90
N VAL D 293 -37.21 -3.12 3.73
CA VAL D 293 -38.62 -2.77 3.64
C VAL D 293 -39.49 -3.98 3.96
N VAL D 294 -39.19 -5.13 3.35
CA VAL D 294 -40.01 -6.32 3.55
C VAL D 294 -39.96 -6.77 5.00
N CYS D 295 -38.82 -6.58 5.67
CA CYS D 295 -38.71 -7.04 7.05
C CYS D 295 -39.33 -6.07 8.05
N TRP D 296 -39.34 -4.77 7.76
CA TRP D 296 -39.82 -3.82 8.77
C TRP D 296 -41.21 -3.27 8.52
N THR D 297 -41.68 -3.23 7.28
CA THR D 297 -43.01 -2.67 7.02
C THR D 297 -44.14 -3.45 7.68
N PRO D 298 -44.22 -4.79 7.58
CA PRO D 298 -45.39 -5.48 8.14
C PRO D 298 -45.61 -5.26 9.62
N ILE D 299 -44.56 -5.30 10.44
CA ILE D 299 -44.75 -5.18 11.87
C ILE D 299 -45.22 -3.77 12.24
N HIS D 300 -44.62 -2.76 11.62
CA HIS D 300 -45.04 -1.39 11.90
C HIS D 300 -46.48 -1.14 11.46
N ILE D 301 -46.85 -1.65 10.28
CA ILE D 301 -48.22 -1.48 9.81
C ILE D 301 -49.19 -2.20 10.73
N PHE D 302 -48.85 -3.42 11.17
CA PHE D 302 -49.71 -4.16 12.08
C PHE D 302 -49.90 -3.40 13.39
N ILE D 303 -48.81 -2.87 13.94
CA ILE D 303 -48.89 -2.14 15.20
C ILE D 303 -49.74 -0.89 15.05
N LEU D 304 -49.54 -0.14 13.96
CA LEU D 304 -50.35 1.06 13.74
C LEU D 304 -51.82 0.72 13.58
N VAL D 305 -52.13 -0.34 12.83
CA VAL D 305 -53.52 -0.74 12.61
C VAL D 305 -54.18 -1.11 13.93
N GLU D 306 -53.48 -1.87 14.77
CA GLU D 306 -54.07 -2.24 16.05
C GLU D 306 -54.14 -1.06 17.00
N ALA D 307 -53.23 -0.09 16.88
CA ALA D 307 -53.24 1.05 17.78
C ALA D 307 -54.36 2.04 17.46
N LEU D 308 -54.57 2.34 16.18
CA LEU D 308 -55.53 3.36 15.80
C LEU D 308 -56.69 2.87 14.97
N GLY D 309 -56.49 1.88 14.10
CA GLY D 309 -57.55 1.40 13.23
C GLY D 309 -58.66 0.69 13.98
N SER D 310 -58.37 -0.46 14.56
CA SER D 310 -59.36 -1.24 15.29
C SER D 310 -58.66 -2.14 16.27
N THR D 311 -59.40 -2.58 17.28
CA THR D 311 -58.89 -3.44 18.34
C THR D 311 -59.58 -4.79 18.26
N SER D 312 -58.80 -5.86 18.16
CA SER D 312 -59.34 -7.21 18.08
C SER D 312 -58.28 -8.19 18.56
N HIS D 313 -58.75 -9.39 18.94
CA HIS D 313 -57.85 -10.44 19.46
C HIS D 313 -58.34 -11.78 18.92
N SER D 314 -57.54 -12.39 18.05
CA SER D 314 -57.82 -13.71 17.50
C SER D 314 -56.53 -14.53 17.49
N THR D 315 -56.69 -15.84 17.43
CA THR D 315 -55.53 -16.73 17.36
C THR D 315 -54.74 -16.48 16.09
N ALA D 316 -55.43 -16.35 14.95
CA ALA D 316 -54.74 -16.06 13.70
C ALA D 316 -54.06 -14.70 13.75
N ALA D 317 -54.72 -13.71 14.35
CA ALA D 317 -54.10 -12.40 14.49
C ALA D 317 -52.85 -12.46 15.35
N LEU D 318 -52.91 -13.21 16.46
CA LEU D 318 -51.73 -13.35 17.32
C LEU D 318 -50.58 -14.04 16.59
N SER D 319 -50.90 -15.10 15.84
CA SER D 319 -49.86 -15.81 15.10
C SER D 319 -49.23 -14.91 14.04
N SER D 320 -50.04 -14.14 13.32
CA SER D 320 -49.51 -13.23 12.32
C SER D 320 -48.69 -12.12 12.97
N TYR D 321 -49.11 -11.65 14.13
CA TYR D 321 -48.37 -10.62 14.86
C TYR D 321 -46.99 -11.13 15.24
N TYR D 322 -46.92 -12.35 15.76
CA TYR D 322 -45.62 -12.89 16.13
C TYR D 322 -44.77 -13.23 14.92
N PHE D 323 -45.40 -13.59 13.79
CA PHE D 323 -44.64 -13.77 12.57
C PHE D 323 -44.06 -12.44 12.07
N CYS D 324 -44.81 -11.36 12.20
CA CYS D 324 -44.29 -10.04 11.85
C CYS D 324 -43.11 -9.66 12.74
N ILE D 325 -43.22 -9.96 14.04
CA ILE D 325 -42.08 -9.73 14.93
C ILE D 325 -40.88 -10.58 14.50
N ALA D 326 -41.15 -11.82 14.08
CA ALA D 326 -40.08 -12.69 13.60
C ALA D 326 -39.40 -12.10 12.38
N LEU D 327 -40.18 -11.52 11.45
CA LEU D 327 -39.58 -10.86 10.29
C LEU D 327 -38.75 -9.65 10.70
N GLY D 328 -39.25 -8.87 11.66
CA GLY D 328 -38.47 -7.75 12.16
C GLY D 328 -37.13 -8.18 12.71
N TYR D 329 -37.09 -9.32 13.40
CA TYR D 329 -35.82 -9.84 13.88
C TYR D 329 -35.00 -10.48 12.75
N THR D 330 -35.68 -11.02 11.73
CA THR D 330 -34.98 -11.57 10.58
C THR D 330 -34.20 -10.49 9.84
N ASN D 331 -34.69 -9.25 9.90
CA ASN D 331 -33.91 -8.13 9.35
C ASN D 331 -32.52 -8.08 9.97
N SER D 332 -32.44 -8.07 11.31
CA SER D 332 -31.16 -8.04 11.99
C SER D 332 -30.39 -9.34 11.77
N SER D 333 -31.08 -10.46 11.62
CA SER D 333 -30.41 -11.72 11.34
C SER D 333 -29.71 -11.70 9.98
N LEU D 334 -30.34 -11.09 8.97
CA LEU D 334 -29.81 -11.07 7.63
C LEU D 334 -28.86 -9.90 7.37
N ASN D 335 -28.85 -8.89 8.23
CA ASN D 335 -27.91 -7.78 8.05
C ASN D 335 -26.46 -8.21 7.93
N PRO D 336 -25.92 -9.14 8.74
CA PRO D 336 -24.52 -9.56 8.50
C PRO D 336 -24.29 -10.16 7.13
N ILE D 337 -25.27 -10.90 6.59
CA ILE D 337 -25.11 -11.50 5.28
C ILE D 337 -25.04 -10.42 4.21
N LEU D 338 -25.89 -9.38 4.33
CA LEU D 338 -25.95 -8.34 3.31
C LEU D 338 -24.76 -7.40 3.38
N TYR D 339 -24.32 -7.04 4.59
CA TYR D 339 -23.33 -5.99 4.74
C TYR D 339 -21.91 -6.51 4.96
N ALA D 340 -21.75 -7.67 5.61
CA ALA D 340 -20.42 -8.22 5.84
C ALA D 340 -20.04 -9.28 4.83
N PHE D 341 -20.88 -10.28 4.63
CA PHE D 341 -20.56 -11.40 3.74
C PHE D 341 -20.77 -11.05 2.26
N LEU D 342 -20.92 -9.77 1.93
CA LEU D 342 -21.03 -9.35 0.54
C LEU D 342 -20.08 -8.23 0.16
N ASP D 343 -19.40 -7.61 1.12
CA ASP D 343 -18.39 -6.62 0.80
C ASP D 343 -17.15 -7.31 0.24
N GLU D 344 -16.64 -6.79 -0.87
CA GLU D 344 -15.47 -7.39 -1.51
C GLU D 344 -14.24 -7.32 -0.62
N ASN D 345 -14.06 -6.20 0.10
CA ASN D 345 -12.94 -6.10 1.03
C ASN D 345 -13.05 -7.12 2.15
N PHE D 346 -14.27 -7.35 2.66
CA PHE D 346 -14.48 -8.35 3.69
C PHE D 346 -14.19 -9.75 3.16
N LYS D 347 -14.59 -10.03 1.92
CA LYS D 347 -14.29 -11.33 1.31
C LYS D 347 -12.79 -11.55 1.20
N ARG D 348 -12.06 -10.52 0.77
CA ARG D 348 -10.61 -10.65 0.65
C ARG D 348 -9.95 -10.83 2.02
N CYS D 349 -10.44 -10.11 3.03
CA CYS D 349 -9.88 -10.23 4.37
C CYS D 349 -10.15 -11.62 4.95
N PHE D 350 -11.33 -12.18 4.70
CA PHE D 350 -11.65 -13.51 5.22
C PHE D 350 -10.78 -14.58 4.59
N ARG D 351 -10.55 -14.49 3.27
CA ARG D 351 -9.74 -15.47 2.57
C ARG D 351 -8.25 -15.22 2.80
N TYR E 1 -39.34 -5.90 17.91
CA TYR E 1 -40.22 -4.81 18.28
C TYR E 1 -41.68 -5.27 18.25
N GLY E 2 -42.46 -4.78 19.21
CA GLY E 2 -43.86 -5.13 19.32
C GLY E 2 -44.15 -6.26 20.29
N GLY E 3 -43.14 -7.02 20.68
CA GLY E 3 -43.35 -8.11 21.63
C GLY E 3 -43.54 -7.65 23.06
N PHE E 4 -43.31 -6.38 23.34
CA PHE E 4 -43.41 -5.81 24.68
C PHE E 4 -44.41 -4.67 24.72
N LEU E 5 -45.55 -4.86 24.06
CA LEU E 5 -46.66 -3.92 24.09
C LEU E 5 -47.86 -4.56 24.76
N ARG E 6 -48.75 -3.73 25.28
CA ARG E 6 -49.89 -4.20 26.08
C ARG E 6 -50.95 -4.80 25.16
N ARG E 7 -50.81 -6.10 24.92
CA ARG E 7 -51.74 -6.83 24.07
C ARG E 7 -52.85 -7.50 24.89
N ILE E 8 -53.99 -7.74 24.25
CA ILE E 8 -55.10 -8.46 24.88
C ILE E 8 -55.16 -9.86 24.30
N ARG E 9 -55.09 -10.86 25.16
CA ARG E 9 -55.12 -12.26 24.73
C ARG E 9 -55.49 -13.18 25.89
C1 CLR F . -55.24 -6.78 8.60
C2 CLR F . -56.41 -7.07 9.55
C3 CLR F . -56.45 -8.55 9.88
C4 CLR F . -55.12 -8.98 10.51
C5 CLR F . -53.96 -8.65 9.61
C6 CLR F . -53.07 -9.59 9.28
C7 CLR F . -51.87 -9.39 8.42
C8 CLR F . -51.56 -7.92 8.17
C9 CLR F . -52.86 -7.13 7.94
C10 CLR F . -53.86 -7.23 9.12
C11 CLR F . -52.55 -5.68 7.53
C12 CLR F . -51.59 -5.58 6.34
C13 CLR F . -50.27 -6.33 6.61
C14 CLR F . -50.66 -7.77 6.96
C15 CLR F . -49.34 -8.53 6.94
C16 CLR F . -48.56 -7.84 5.80
C17 CLR F . -49.35 -6.59 5.38
C18 CLR F . -49.48 -5.65 7.72
C19 CLR F . -53.44 -6.33 10.29
C20 CLR F . -48.42 -5.48 4.87
C21 CLR F . -49.14 -4.29 4.22
C22 CLR F . -47.40 -6.05 3.87
C23 CLR F . -46.36 -5.05 3.39
C24 CLR F . -45.36 -5.67 2.41
C25 CLR F . -44.20 -4.74 2.01
C26 CLR F . -43.40 -5.37 0.87
C27 CLR F . -44.69 -3.35 1.60
O1 CLR F . -57.54 -8.79 10.75
C1 CLR G . -36.09 7.27 -12.96
C2 CLR G . -35.65 8.34 -13.94
C3 CLR G . -36.42 9.63 -13.71
C4 CLR G . -36.21 10.09 -12.27
C5 CLR G . -36.58 9.03 -11.27
C6 CLR G . -37.41 9.32 -10.27
C7 CLR G . -37.80 8.36 -9.19
C8 CLR G . -36.96 7.10 -9.18
C9 CLR G . -36.71 6.61 -10.61
C10 CLR G . -35.96 7.66 -11.47
C11 CLR G . -36.06 5.22 -10.63
C12 CLR G . -36.76 4.19 -9.75
C13 CLR G . -36.88 4.67 -8.30
C14 CLR G . -37.63 6.01 -8.36
C15 CLR G . -37.99 6.31 -6.91
C16 CLR G . -38.21 4.92 -6.30
C17 CLR G . -37.80 3.87 -7.35
C18 CLR G . -35.50 4.81 -7.65
C19 CLR G . -34.48 7.74 -11.09
C20 CLR G . -37.27 2.57 -6.73
C21 CLR G . -37.56 1.32 -7.55
C22 CLR G . -37.78 2.40 -5.29
C23 CLR G . -39.05 1.59 -5.10
C24 CLR G . -39.41 1.43 -3.63
C25 CLR G . -39.56 -0.02 -3.14
C26 CLR G . -38.27 -0.80 -3.39
C27 CLR G . -39.95 -0.10 -1.67
O1 CLR G . -35.99 10.59 -14.65
C10 A1D6C H . -28.52 3.14 30.49
C13 A1D6C H . -27.06 -0.27 25.89
C17 A1D6C H . -24.45 -1.48 25.36
C20 A1D6C H . -24.03 -1.84 26.78
C21 A1D6C H . -28.42 -0.89 27.88
C22 A1D6C H . -29.34 -0.83 28.95
C24 A1D6C H . -27.96 -2.64 29.19
C26 A1D6C H . -27.27 -3.91 29.69
C28 A1D6C H . -25.83 -5.76 29.24
C01 A1D6C H . -28.31 0.07 26.69
C02 A1D6C H . -28.21 1.52 27.16
C03 A1D6C H . -27.04 2.08 27.44
C04 A1D6C H . -26.88 2.98 28.66
C05 A1D6C H . -28.14 3.71 29.13
C06 A1D6C H . -29.37 3.61 28.22
C07 A1D6C H . -29.49 2.21 27.63
O08 A1D6C H . -30.53 1.67 27.54
C09 A1D6C H . -27.80 5.18 29.30
O11 A1D6C H . -25.87 1.43 27.00
C12 A1D6C H . -25.98 0.46 25.99
C14 A1D6C H . -27.01 -1.63 25.22
O15 A1D6C H . -28.01 -2.16 24.87
C16 A1D6C H . -25.67 -2.31 25.00
C18 A1D6C H . -24.69 0.03 25.29
C19 A1D6C H . -23.31 -1.84 24.41
C23 A1D6C H . -29.03 -1.97 29.79
O25 A1D6C H . -27.65 -1.97 28.08
C27 A1D6C H . -26.47 -4.62 28.82
C29 A1D6C H . -25.97 -6.21 30.54
C30 A1D6C H . -26.78 -5.49 31.42
C31 A1D6C H . -27.43 -4.33 31.00
CL32 A1D6C H . -24.80 -6.67 28.08
#